data_3IJS
#
_entry.id   3IJS
#
_cell.length_a   46.320
_cell.length_b   127.910
_cell.length_c   156.460
_cell.angle_alpha   90.00
_cell.angle_beta   90.00
_cell.angle_gamma   90.00
#
_symmetry.space_group_name_H-M   'P 21 21 21'
#
loop_
_entity.id
_entity.type
_entity.pdbx_description
1 polymer 'Immunoglobulin light chain (IGG3)'
2 polymer 'Immunoglobulin heavy chain (IGG3)'
3 branched '3-deoxy-alpha-D-manno-oct-2-ulopyranosonic acid-(2-4)-3-deoxy-alpha-D-manno-oct-2-ulopyranosonic acid-(2-6)-2-amino-2-deoxy-4-O-phosphono-alpha-D-glucopyranose'
4 non-polymer 'MAGNESIUM ION'
5 water water
#
loop_
_entity_poly.entity_id
_entity_poly.type
_entity_poly.pdbx_seq_one_letter_code
_entity_poly.pdbx_strand_id
1 'polypeptide(L)'
;DIVMTQSPSSLAVSAGEKVTMSCKSSQSLLNSRTRKNYLAWYQQKPGQSPKLLIYWASTRESGVPDRFTGSGSGTDFTLT
ISSVQAEDLAVYYCKQSNNLRTFGGGTKLEIKRADAAPTVSIFPPSSEQLTSGGASVVCFLNNFYPKDINVKWKIDGSER
QNGVLNSWTDQDSKDSTYSMSSTLTLTKDEYERHNSYTCEATHKTSTSPIVKSFNRNEC
;
A,C
2 'polypeptide(L)'
;EVMLVESGGGLVQPGNSLRLSCATSGFTFTDYYMSWVRQPPGKALEWLGFIRNKAKGYTTEYSASVKGRFTISRDNSQSI
LYLQMNTLRAEDSATYYCARDISPSYGVYYEGFAYWGQGTLVTVSAATTTAPSVYPLVPGCSDTSGSSVTLGCLVKGYFP
EPVTVKWNYGALSSGVRTVSSVLQSGFYSLSSLVTVPSSTWPSQTVICNVAHPASKTELIKRIEPR
;
B,D
#
loop_
_chem_comp.id
_chem_comp.type
_chem_comp.name
_chem_comp.formula
GP4 D-saccharide, alpha linking 2-amino-2-deoxy-4-O-phosphono-alpha-D-glucopyranose 'C6 H14 N O8 P'
KDO D-saccharide, alpha linking '3-deoxy-alpha-D-manno-oct-2-ulopyranosonic acid' 'C8 H14 O8'
MG non-polymer 'MAGNESIUM ION' 'Mg 2'
#
# COMPACT_ATOMS: atom_id res chain seq x y z
N ILE A 2 22.35 36.83 18.92
CA ILE A 2 23.50 37.03 18.04
C ILE A 2 23.14 36.69 16.60
N VAL A 3 23.60 37.51 15.66
CA VAL A 3 23.32 37.31 14.25
C VAL A 3 24.48 36.63 13.54
N MET A 4 24.22 35.44 12.99
CA MET A 4 25.23 34.71 12.25
C MET A 4 25.04 34.87 10.75
N THR A 5 26.15 35.06 10.04
CA THR A 5 26.10 35.23 8.59
C THR A 5 27.26 34.52 7.92
N GLN A 6 26.97 33.74 6.87
CA GLN A 6 27.99 32.99 6.17
C GLN A 6 28.19 33.50 4.76
N SER A 7 29.31 33.11 4.16
CA SER A 7 29.65 33.53 2.81
C SER A 7 30.74 32.63 2.26
N PRO A 8 30.64 32.24 0.99
CA PRO A 8 29.56 32.60 0.06
C PRO A 8 28.30 31.78 0.29
N SER A 9 27.20 32.18 -0.35
CA SER A 9 25.95 31.44 -0.26
C SER A 9 26.12 30.08 -0.92
N SER A 10 27.00 30.03 -1.92
CA SER A 10 27.34 28.79 -2.61
C SER A 10 28.53 29.02 -3.53
N LEU A 11 29.31 27.97 -3.78
CA LEU A 11 30.42 28.05 -4.71
C LEU A 11 30.73 26.67 -5.27
N ALA A 12 31.34 26.65 -6.45
CA ALA A 12 31.69 25.39 -7.09
C ALA A 12 33.18 25.33 -7.41
N VAL A 13 33.82 24.23 -7.01
CA VAL A 13 35.24 24.03 -7.31
C VAL A 13 35.47 22.60 -7.77
N SER A 14 36.53 22.39 -8.55
CA SER A 14 36.87 21.06 -9.02
C SER A 14 37.50 20.25 -7.89
N ALA A 15 37.40 18.92 -7.99
CA ALA A 15 38.02 18.06 -6.99
C ALA A 15 39.51 18.34 -6.90
N GLY A 16 40.05 18.29 -5.69
CA GLY A 16 41.47 18.50 -5.49
C GLY A 16 41.84 19.94 -5.22
N GLU A 17 40.89 20.84 -5.50
CA GLU A 17 41.12 22.27 -5.25
C GLU A 17 40.95 22.61 -3.78
N LYS A 18 41.46 23.77 -3.39
CA LYS A 18 41.30 24.28 -2.03
C LYS A 18 39.99 25.07 -1.96
N VAL A 19 39.41 25.16 -0.78
CA VAL A 19 38.15 25.89 -0.63
C VAL A 19 38.09 26.63 0.71
N THR A 20 37.36 27.75 0.72
CA THR A 20 37.28 28.60 1.89
C THR A 20 35.88 29.18 2.06
N MET A 21 35.34 29.04 3.27
CA MET A 21 34.04 29.60 3.60
C MET A 21 34.17 30.50 4.82
N SER A 22 33.39 31.58 4.85
CA SER A 22 33.47 32.53 5.96
C SER A 22 32.23 32.46 6.85
N CYS A 23 32.45 32.72 8.14
CA CYS A 23 31.37 32.80 9.11
C CYS A 23 31.56 34.05 9.96
N LYS A 24 30.52 34.85 10.07
CA LYS A 24 30.59 36.10 10.83
C LYS A 24 29.48 36.20 11.87
N SER A 25 29.82 36.73 13.04
CA SER A 25 28.85 36.91 14.11
C SER A 25 28.79 38.36 14.56
N SER A 26 27.59 38.82 14.93
CA SER A 26 27.40 40.19 15.40
C SER A 26 28.14 40.47 16.70
N GLN A 27 28.16 39.48 17.59
CA GLN A 27 28.90 39.60 18.84
C GLN A 27 30.09 38.64 18.83
N SER A 28 31.12 38.97 19.61
CA SER A 28 32.27 38.07 19.75
C SER A 28 31.83 36.74 20.35
N LEU A 29 32.42 35.65 19.90
CA LEU A 29 32.07 34.33 20.41
C LEU A 29 33.13 33.81 21.37
N LEU A 30 34.14 34.63 21.63
CA LEU A 30 35.19 34.28 22.57
C LEU A 30 34.71 34.43 24.00
N ASN A 31 34.73 33.34 24.75
CA ASN A 31 34.29 33.35 26.15
C ASN A 31 35.49 33.57 27.08
N SER A 32 35.58 34.77 27.66
CA SER A 32 36.73 35.14 28.48
C SER A 32 36.96 34.19 29.66
N ARG A 33 35.90 33.49 30.07
CA ARG A 33 36.00 32.56 31.20
C ARG A 33 36.64 31.23 30.80
N THR A 34 36.22 30.69 29.66
CA THR A 34 36.78 29.42 29.18
C THR A 34 37.89 29.64 28.16
N ARG A 35 38.01 30.87 27.67
CA ARG A 35 39.04 31.23 26.70
C ARG A 35 38.95 30.39 25.43
N LYS A 36 37.73 30.08 25.02
CA LYS A 36 37.48 29.37 23.78
C LYS A 36 36.39 30.06 22.96
N ASN A 37 36.47 29.94 21.64
CA ASN A 37 35.43 30.45 20.77
C ASN A 37 34.31 29.43 20.60
N TYR A 38 33.09 29.82 20.96
CA TYR A 38 31.95 28.91 20.89
C TYR A 38 31.33 28.89 19.50
N LEU A 39 32.08 28.40 18.52
CA LEU A 39 31.59 28.30 17.16
C LEU A 39 31.85 26.92 16.57
N ALA A 40 30.81 26.31 16.02
CA ALA A 40 30.93 24.98 15.45
C ALA A 40 30.59 24.97 13.96
N TRP A 41 31.14 24.00 13.24
CA TRP A 41 30.82 23.82 11.84
C TRP A 41 30.12 22.49 11.62
N TYR A 42 28.99 22.52 10.91
CA TYR A 42 28.22 21.32 10.65
C TYR A 42 28.14 21.04 9.15
N GLN A 43 28.24 19.77 8.78
CA GLN A 43 28.12 19.36 7.39
C GLN A 43 26.78 18.68 7.19
N GLN A 44 26.03 19.11 6.19
CA GLN A 44 24.75 18.48 5.89
C GLN A 44 24.63 18.06 4.42
N LYS A 45 24.71 16.76 4.18
CA LYS A 45 24.53 16.22 2.83
C LYS A 45 23.04 16.13 2.52
N PRO A 46 22.70 16.21 1.23
CA PRO A 46 21.29 16.15 0.81
C PRO A 46 20.52 15.02 1.48
N GLY A 47 19.36 15.34 2.03
CA GLY A 47 18.48 14.34 2.62
C GLY A 47 18.99 13.73 3.91
N GLN A 48 20.04 14.33 4.47
CA GLN A 48 20.63 13.81 5.69
C GLN A 48 20.63 14.83 6.83
N SER A 49 20.86 14.34 8.04
CA SER A 49 20.96 15.21 9.21
C SER A 49 22.34 15.85 9.25
N PRO A 50 22.42 17.06 9.84
CA PRO A 50 23.71 17.74 9.95
C PRO A 50 24.69 16.94 10.80
N LYS A 51 25.97 16.94 10.41
CA LYS A 51 27.01 16.26 11.16
C LYS A 51 28.04 17.25 11.67
N LEU A 52 28.46 17.08 12.92
CA LEU A 52 29.45 17.97 13.52
C LEU A 52 30.85 17.70 12.98
N LEU A 53 31.51 18.76 12.51
CA LEU A 53 32.87 18.64 11.99
C LEU A 53 33.87 19.34 12.90
N ILE A 54 33.62 20.63 13.16
CA ILE A 54 34.53 21.44 13.95
C ILE A 54 33.80 22.07 15.13
N TYR A 55 34.41 22.01 16.31
CA TYR A 55 33.85 22.69 17.48
C TYR A 55 34.94 23.48 18.20
N TRP A 56 34.52 24.52 18.92
CA TRP A 56 35.44 25.48 19.51
C TRP A 56 36.33 26.13 18.45
N ALA A 57 35.74 26.36 17.28
CA ALA A 57 36.38 27.10 16.19
C ALA A 57 37.44 26.31 15.41
N SER A 58 38.18 25.42 16.08
CA SER A 58 39.31 24.78 15.43
C SER A 58 39.55 23.31 15.80
N THR A 59 38.77 22.78 16.73
CA THR A 59 38.95 21.39 17.14
C THR A 59 38.14 20.43 16.28
N ARG A 60 38.82 19.46 15.70
CA ARG A 60 38.18 18.51 14.80
C ARG A 60 37.50 17.38 15.57
N GLU A 61 36.24 17.10 15.21
CA GLU A 61 35.46 16.06 15.87
C GLU A 61 36.00 14.67 15.55
N SER A 62 35.71 13.72 16.43
CA SER A 62 36.12 12.33 16.25
C SER A 62 35.72 11.81 14.87
N GLY A 63 36.72 11.40 14.08
CA GLY A 63 36.46 10.79 12.80
C GLY A 63 36.61 11.71 11.59
N VAL A 64 36.60 13.01 11.83
CA VAL A 64 36.68 13.98 10.73
C VAL A 64 38.09 14.09 10.16
N PRO A 65 38.22 13.95 8.84
CA PRO A 65 39.51 14.02 8.15
C PRO A 65 40.17 15.37 8.33
N ASP A 66 41.49 15.39 8.42
CA ASP A 66 42.22 16.64 8.66
C ASP A 66 42.28 17.55 7.43
N ARG A 67 41.53 17.18 6.39
CA ARG A 67 41.38 18.05 5.23
C ARG A 67 40.57 19.28 5.64
N PHE A 68 39.73 19.09 6.65
CA PHE A 68 38.91 20.16 7.20
C PHE A 68 39.64 20.88 8.32
N THR A 69 39.70 22.20 8.24
CA THR A 69 40.35 23.00 9.26
C THR A 69 39.52 24.24 9.59
N GLY A 70 39.19 24.40 10.87
CA GLY A 70 38.48 25.58 11.33
C GLY A 70 39.43 26.62 11.90
N SER A 71 39.23 27.88 11.54
CA SER A 71 40.09 28.95 12.03
C SER A 71 39.28 30.20 12.36
N GLY A 72 39.96 31.19 12.93
CA GLY A 72 39.32 32.46 13.26
C GLY A 72 39.19 32.66 14.75
N SER A 73 38.64 33.81 15.13
CA SER A 73 38.46 34.15 16.53
C SER A 73 37.60 35.40 16.66
N GLY A 74 36.88 35.50 17.77
CA GLY A 74 36.04 36.67 18.02
C GLY A 74 34.76 36.68 17.21
N THR A 75 34.79 37.39 16.08
CA THR A 75 33.60 37.51 15.24
C THR A 75 33.88 37.04 13.82
N ASP A 76 35.12 36.63 13.56
CA ASP A 76 35.52 36.23 12.22
C ASP A 76 36.02 34.78 12.22
N PHE A 77 35.38 33.94 11.43
CA PHE A 77 35.72 32.52 11.39
C PHE A 77 35.75 31.96 9.97
N THR A 78 36.54 30.91 9.78
CA THR A 78 36.70 30.32 8.46
C THR A 78 36.81 28.81 8.52
N LEU A 79 36.05 28.13 7.67
CA LEU A 79 36.23 26.70 7.46
C LEU A 79 36.99 26.49 6.15
N THR A 80 38.04 25.69 6.21
CA THR A 80 38.91 25.47 5.05
C THR A 80 39.00 23.99 4.70
N ILE A 81 38.86 23.69 3.42
CA ILE A 81 39.05 22.33 2.93
C ILE A 81 40.27 22.27 2.03
N SER A 82 41.35 21.69 2.54
CA SER A 82 42.63 21.65 1.81
C SER A 82 42.44 21.07 0.41
N SER A 83 41.68 20.00 0.33
CA SER A 83 41.44 19.33 -0.94
C SER A 83 40.05 18.71 -0.95
N VAL A 84 39.17 19.25 -1.78
CA VAL A 84 37.78 18.81 -1.82
C VAL A 84 37.56 17.60 -2.71
N GLN A 85 36.70 16.68 -2.26
CA GLN A 85 36.35 15.51 -3.05
C GLN A 85 34.84 15.33 -3.20
N ALA A 86 34.45 14.23 -3.83
CA ALA A 86 33.04 14.00 -4.17
C ALA A 86 32.13 13.87 -2.96
N GLU A 87 32.69 13.45 -1.83
CA GLU A 87 31.91 13.27 -0.61
C GLU A 87 31.49 14.60 -0.01
N ASP A 88 32.17 15.67 -0.38
CA ASP A 88 31.99 16.97 0.26
C ASP A 88 30.70 17.67 -0.16
N LEU A 89 30.06 17.17 -1.20
CA LEU A 89 28.78 17.72 -1.63
C LEU A 89 27.86 17.88 -0.43
N ALA A 90 27.66 19.12 0.01
CA ALA A 90 26.87 19.39 1.20
C ALA A 90 26.73 20.89 1.45
N VAL A 91 25.81 21.24 2.32
CA VAL A 91 25.71 22.61 2.82
C VAL A 91 26.41 22.68 4.17
N TYR A 92 27.18 23.74 4.38
CA TYR A 92 27.95 23.88 5.61
C TYR A 92 27.43 25.03 6.46
N TYR A 93 27.04 24.73 7.69
CA TYR A 93 26.52 25.73 8.61
C TYR A 93 27.48 25.97 9.77
N CYS A 94 27.67 27.23 10.13
CA CYS A 94 28.37 27.56 11.35
C CYS A 94 27.32 27.83 12.43
N LYS A 95 27.69 27.64 13.70
CA LYS A 95 26.75 27.82 14.78
C LYS A 95 27.41 28.37 16.04
N GLN A 96 26.99 29.55 16.47
CA GLN A 96 27.46 30.10 17.73
C GLN A 96 26.70 29.45 18.87
N SER A 97 27.39 29.25 19.99
CA SER A 97 26.75 28.69 21.18
C SER A 97 27.19 29.42 22.43
N ASN A 98 27.63 30.67 22.29
CA ASN A 98 28.03 31.45 23.45
C ASN A 98 26.84 32.06 24.17
N ASN A 99 25.82 32.43 23.40
CA ASN A 99 24.56 32.92 23.96
C ASN A 99 23.43 32.17 23.28
N LEU A 100 22.90 31.17 23.97
CA LEU A 100 21.97 30.23 23.34
C LEU A 100 22.65 29.64 22.10
N ARG A 101 21.90 29.47 21.02
CA ARG A 101 22.47 28.94 19.78
C ARG A 101 21.88 29.63 18.55
N THR A 102 22.73 29.89 17.57
CA THR A 102 22.30 30.50 16.32
C THR A 102 23.07 29.93 15.14
N PHE A 103 22.33 29.43 14.14
CA PHE A 103 22.94 28.91 12.92
C PHE A 103 23.13 30.01 11.88
N GLY A 104 24.17 29.87 11.07
CA GLY A 104 24.40 30.79 9.97
C GLY A 104 23.46 30.48 8.81
N GLY A 105 23.62 31.21 7.72
CA GLY A 105 22.80 30.98 6.54
C GLY A 105 23.20 29.71 5.81
N GLY A 106 24.48 29.37 5.89
CA GLY A 106 25.00 28.16 5.27
C GLY A 106 25.69 28.41 3.95
N THR A 107 26.63 27.52 3.62
CA THR A 107 27.33 27.57 2.35
C THR A 107 27.16 26.23 1.63
N LYS A 108 26.53 26.28 0.46
CA LYS A 108 26.37 25.07 -0.36
C LYS A 108 27.63 24.85 -1.20
N LEU A 109 28.27 23.71 -0.98
CA LEU A 109 29.48 23.37 -1.73
C LEU A 109 29.16 22.47 -2.91
N GLU A 110 29.40 22.97 -4.11
CA GLU A 110 29.16 22.20 -5.34
C GLU A 110 30.48 21.90 -6.02
N ILE A 111 30.49 20.84 -6.82
CA ILE A 111 31.72 20.38 -7.47
C ILE A 111 31.70 20.57 -8.99
N LYS A 112 32.78 21.14 -9.52
CA LYS A 112 32.96 21.21 -10.97
C LYS A 112 33.64 19.95 -11.48
N ARG A 113 33.27 19.53 -12.68
CA ARG A 113 33.85 18.34 -13.29
C ARG A 113 33.76 18.40 -14.81
N ALA A 114 34.42 17.47 -15.48
CA ALA A 114 34.40 17.43 -16.93
C ALA A 114 32.97 17.28 -17.44
N ASP A 115 32.69 17.92 -18.58
CA ASP A 115 31.38 17.82 -19.19
C ASP A 115 31.09 16.38 -19.60
N ALA A 116 29.84 15.97 -19.43
CA ALA A 116 29.43 14.62 -19.80
C ALA A 116 28.05 14.62 -20.44
N ALA A 117 27.92 13.89 -21.55
CA ALA A 117 26.65 13.79 -22.25
C ALA A 117 25.72 12.82 -21.53
N PRO A 118 24.41 13.09 -21.54
CA PRO A 118 23.44 12.25 -20.84
C PRO A 118 23.09 11.00 -21.62
N THR A 119 22.68 9.95 -20.90
CA THR A 119 22.11 8.77 -21.52
C THR A 119 20.60 8.93 -21.46
N VAL A 120 19.96 8.94 -22.62
CA VAL A 120 18.55 9.29 -22.70
C VAL A 120 17.63 8.09 -22.92
N SER A 121 16.66 7.93 -22.03
CA SER A 121 15.68 6.86 -22.14
C SER A 121 14.27 7.43 -22.13
N ILE A 122 13.38 6.80 -22.89
CA ILE A 122 11.98 7.21 -22.90
C ILE A 122 11.11 6.05 -22.42
N PHE A 123 10.02 6.38 -21.72
CA PHE A 123 9.13 5.37 -21.16
C PHE A 123 7.68 5.65 -21.51
N PRO A 124 7.07 4.78 -22.32
CA PRO A 124 5.64 4.90 -22.60
C PRO A 124 4.85 4.69 -21.32
N PRO A 125 3.62 5.20 -21.25
CA PRO A 125 2.77 5.03 -20.06
C PRO A 125 2.63 3.55 -19.69
N SER A 126 2.44 3.27 -18.41
CA SER A 126 2.23 1.90 -17.95
C SER A 126 0.78 1.49 -18.21
N SER A 127 0.53 0.19 -18.16
CA SER A 127 -0.80 -0.34 -18.37
C SER A 127 -1.73 0.04 -17.21
N GLU A 128 -1.22 -0.05 -15.99
CA GLU A 128 -2.03 0.25 -14.81
C GLU A 128 -2.43 1.72 -14.71
N GLN A 129 -1.60 2.62 -15.22
CA GLN A 129 -1.94 4.04 -15.24
C GLN A 129 -3.02 4.30 -16.28
N LEU A 130 -2.86 3.70 -17.45
CA LEU A 130 -3.83 3.82 -18.52
C LEU A 130 -5.18 3.26 -18.08
N THR A 131 -5.13 2.19 -17.30
CA THR A 131 -6.33 1.57 -16.76
C THR A 131 -7.14 2.55 -15.93
N SER A 132 -6.46 3.47 -15.25
CA SER A 132 -7.12 4.47 -14.42
C SER A 132 -7.37 5.77 -15.17
N GLY A 133 -7.14 5.74 -16.49
CA GLY A 133 -7.40 6.90 -17.33
C GLY A 133 -6.27 7.91 -17.34
N GLY A 134 -5.08 7.47 -16.95
CA GLY A 134 -3.92 8.34 -16.93
C GLY A 134 -2.93 7.97 -18.02
N ALA A 135 -2.08 8.92 -18.38
CA ALA A 135 -1.09 8.70 -19.43
C ALA A 135 0.13 9.61 -19.26
N SER A 136 1.10 9.16 -18.47
CA SER A 136 2.33 9.92 -18.29
C SER A 136 3.43 9.36 -19.18
N VAL A 137 4.08 10.25 -19.94
CA VAL A 137 5.21 9.87 -20.77
C VAL A 137 6.47 10.46 -20.17
N VAL A 138 7.42 9.60 -19.81
CA VAL A 138 8.62 10.05 -19.13
C VAL A 138 9.89 9.90 -19.95
N CYS A 139 10.63 11.00 -20.07
CA CYS A 139 11.93 11.00 -20.73
C CYS A 139 13.01 11.23 -19.67
N PHE A 140 13.93 10.27 -19.55
CA PHE A 140 14.92 10.31 -18.50
C PHE A 140 16.33 10.57 -19.04
N LEU A 141 16.93 11.67 -18.59
CA LEU A 141 18.30 12.00 -18.95
C LEU A 141 19.23 11.67 -17.78
N ASN A 142 20.20 10.80 -18.02
CA ASN A 142 20.98 10.23 -16.93
C ASN A 142 22.46 10.58 -16.94
N ASN A 143 22.96 11.06 -15.80
CA ASN A 143 24.38 11.27 -15.58
C ASN A 143 25.04 12.25 -16.55
N PHE A 144 24.60 13.50 -16.52
CA PHE A 144 25.17 14.52 -17.39
C PHE A 144 25.76 15.69 -16.60
N TYR A 145 26.50 16.54 -17.29
CA TYR A 145 27.08 17.75 -16.70
C TYR A 145 27.49 18.68 -17.84
N PRO A 146 27.20 19.98 -17.71
CA PRO A 146 26.64 20.67 -16.53
C PRO A 146 25.16 20.37 -16.32
N LYS A 147 24.57 21.05 -15.34
CA LYS A 147 23.20 20.82 -14.92
C LYS A 147 22.19 21.29 -15.97
N ASP A 148 22.46 22.45 -16.57
CA ASP A 148 21.53 23.02 -17.54
C ASP A 148 21.39 22.10 -18.76
N ILE A 149 20.15 21.79 -19.11
CA ILE A 149 19.87 20.87 -20.20
C ILE A 149 18.41 21.03 -20.61
N ASN A 150 18.14 20.81 -21.89
CA ASN A 150 16.81 21.08 -22.43
C ASN A 150 16.17 19.87 -23.11
N VAL A 151 14.85 19.77 -22.98
CA VAL A 151 14.11 18.68 -23.60
C VAL A 151 12.92 19.21 -24.39
N LYS A 152 12.88 18.88 -25.67
CA LYS A 152 11.73 19.21 -26.50
C LYS A 152 10.86 17.98 -26.74
N TRP A 153 9.57 18.10 -26.45
CA TRP A 153 8.63 17.02 -26.70
C TRP A 153 7.94 17.21 -28.03
N LYS A 154 7.83 16.12 -28.79
CA LYS A 154 7.15 16.15 -30.08
C LYS A 154 6.11 15.04 -30.16
N ILE A 155 4.91 15.41 -30.60
CA ILE A 155 3.84 14.44 -30.78
C ILE A 155 3.39 14.46 -32.23
N ASP A 156 3.60 13.34 -32.93
CA ASP A 156 3.28 13.25 -34.34
C ASP A 156 3.94 14.38 -35.13
N GLY A 157 5.12 14.81 -34.67
CA GLY A 157 5.90 15.81 -35.37
C GLY A 157 5.76 17.22 -34.84
N SER A 158 4.71 17.48 -34.06
CA SER A 158 4.47 18.81 -33.53
C SER A 158 5.00 18.97 -32.10
N GLU A 159 5.61 20.12 -31.83
CA GLU A 159 6.14 20.41 -30.51
C GLU A 159 5.03 20.49 -29.47
N ARG A 160 5.36 20.19 -28.22
CA ARG A 160 4.38 20.16 -27.15
C ARG A 160 4.98 20.86 -25.92
N GLN A 161 4.20 21.72 -25.27
CA GLN A 161 4.73 22.50 -24.16
C GLN A 161 3.86 22.44 -22.90
N ASN A 162 2.56 22.22 -23.09
CA ASN A 162 1.64 22.15 -21.96
C ASN A 162 1.50 20.73 -21.41
N GLY A 163 1.67 20.60 -20.10
CA GLY A 163 1.59 19.31 -19.44
C GLY A 163 2.96 18.70 -19.23
N VAL A 164 3.99 19.52 -19.34
CA VAL A 164 5.37 19.07 -19.20
C VAL A 164 6.00 19.60 -17.91
N LEU A 165 6.67 18.71 -17.18
CA LEU A 165 7.33 19.08 -15.93
C LEU A 165 8.71 18.45 -15.84
N ASN A 166 9.68 19.23 -15.38
CA ASN A 166 11.07 18.76 -15.28
C ASN A 166 11.56 18.75 -13.85
N SER A 167 12.42 17.78 -13.53
CA SER A 167 12.94 17.66 -12.17
C SER A 167 14.34 17.06 -12.16
N TRP A 168 15.25 17.72 -11.45
CA TRP A 168 16.64 17.28 -11.38
C TRP A 168 16.92 16.54 -10.07
N THR A 169 17.89 15.63 -10.12
CA THR A 169 18.42 15.02 -8.91
C THR A 169 19.42 16.00 -8.31
N ASP A 170 19.92 15.69 -7.12
CA ASP A 170 21.02 16.45 -6.55
C ASP A 170 22.28 16.04 -7.27
N GLN A 171 23.34 16.82 -7.11
CA GLN A 171 24.63 16.43 -7.68
C GLN A 171 25.06 15.11 -7.06
N ASP A 172 25.40 14.14 -7.91
CA ASP A 172 25.73 12.80 -7.44
C ASP A 172 26.91 12.81 -6.48
N SER A 173 26.77 12.05 -5.39
CA SER A 173 27.80 12.00 -4.35
C SER A 173 29.03 11.23 -4.80
N LYS A 174 28.90 10.43 -5.84
CA LYS A 174 30.02 9.62 -6.32
C LYS A 174 30.79 10.30 -7.46
N ASP A 175 30.09 10.63 -8.54
CA ASP A 175 30.74 11.21 -9.71
C ASP A 175 30.32 12.65 -10.01
N SER A 176 29.48 13.21 -9.14
CA SER A 176 29.14 14.63 -9.23
C SER A 176 28.29 14.98 -10.46
N THR A 177 27.67 13.99 -11.08
CA THR A 177 26.83 14.24 -12.25
C THR A 177 25.38 14.53 -11.85
N TYR A 178 24.60 14.97 -12.83
CA TYR A 178 23.17 15.21 -12.62
C TYR A 178 22.34 14.24 -13.45
N SER A 179 21.10 14.05 -13.02
CA SER A 179 20.11 13.33 -13.82
C SER A 179 18.81 14.10 -13.72
N MET A 180 17.96 13.99 -14.74
CA MET A 180 16.70 14.70 -14.71
C MET A 180 15.64 13.96 -15.50
N SER A 181 14.39 14.13 -15.09
CA SER A 181 13.27 13.52 -15.80
C SER A 181 12.36 14.60 -16.36
N SER A 182 11.89 14.39 -17.59
CA SER A 182 10.90 15.28 -18.19
C SER A 182 9.63 14.47 -18.43
N THR A 183 8.57 14.80 -17.70
CA THR A 183 7.33 14.05 -17.78
C THR A 183 6.24 14.83 -18.50
N LEU A 184 5.63 14.21 -19.52
CA LEU A 184 4.46 14.76 -20.17
C LEU A 184 3.23 14.02 -19.68
N THR A 185 2.36 14.72 -18.97
CA THR A 185 1.18 14.11 -18.39
C THR A 185 -0.05 14.34 -19.27
N LEU A 186 -0.67 13.24 -19.72
CA LEU A 186 -1.85 13.32 -20.56
C LEU A 186 -2.98 12.51 -19.96
N THR A 187 -4.16 12.62 -20.56
CA THR A 187 -5.26 11.72 -20.26
C THR A 187 -5.17 10.55 -21.22
N LYS A 188 -5.74 9.41 -20.84
CA LYS A 188 -5.69 8.22 -21.68
C LYS A 188 -6.24 8.50 -23.07
N ASP A 189 -7.14 9.48 -23.18
CA ASP A 189 -7.77 9.81 -24.45
C ASP A 189 -6.89 10.70 -25.34
N GLU A 190 -6.22 11.68 -24.73
CA GLU A 190 -5.29 12.52 -25.48
C GLU A 190 -4.19 11.64 -26.05
N TYR A 191 -3.64 10.80 -25.19
CA TYR A 191 -2.56 9.89 -25.55
C TYR A 191 -2.95 9.00 -26.74
N GLU A 192 -4.18 8.50 -26.74
CA GLU A 192 -4.63 7.59 -27.79
C GLU A 192 -5.06 8.29 -29.06
N ARG A 193 -4.97 9.62 -29.07
CA ARG A 193 -5.29 10.40 -30.26
C ARG A 193 -4.09 10.55 -31.19
N HIS A 194 -2.93 10.08 -30.72
CA HIS A 194 -1.69 10.20 -31.48
C HIS A 194 -0.86 8.93 -31.38
N ASN A 195 0.18 8.85 -32.20
CA ASN A 195 1.01 7.64 -32.26
C ASN A 195 2.47 7.91 -31.89
N SER A 196 3.06 8.91 -32.53
CA SER A 196 4.49 9.19 -32.34
C SER A 196 4.76 10.08 -31.13
N TYR A 197 5.65 9.62 -30.26
CA TYR A 197 6.03 10.38 -29.08
C TYR A 197 7.54 10.53 -28.98
N THR A 198 8.02 11.77 -29.10
CA THR A 198 9.44 12.04 -29.17
C THR A 198 9.92 13.02 -28.11
N CYS A 199 11.07 12.73 -27.50
CA CYS A 199 11.74 13.69 -26.64
C CYS A 199 13.16 13.92 -27.13
N GLU A 200 13.54 15.18 -27.25
CA GLU A 200 14.85 15.55 -27.76
C GLU A 200 15.66 16.30 -26.71
N ALA A 201 16.80 15.72 -26.32
CA ALA A 201 17.63 16.32 -25.29
C ALA A 201 18.76 17.15 -25.89
N THR A 202 18.76 18.44 -25.57
CA THR A 202 19.82 19.35 -26.02
C THR A 202 20.73 19.73 -24.86
N HIS A 203 22.02 19.43 -25.00
CA HIS A 203 23.00 19.67 -23.94
C HIS A 203 24.26 20.28 -24.56
N LYS A 204 25.06 20.96 -23.74
CA LYS A 204 26.23 21.67 -24.25
C LYS A 204 27.23 20.74 -24.92
N THR A 205 27.10 19.44 -24.65
CA THR A 205 28.05 18.46 -25.18
C THR A 205 27.90 18.22 -26.68
N SER A 206 26.87 18.78 -27.29
CA SER A 206 26.61 18.57 -28.71
C SER A 206 25.65 19.59 -29.31
N THR A 207 25.79 19.82 -30.62
CA THR A 207 24.88 20.67 -31.37
C THR A 207 23.62 19.87 -31.65
N SER A 208 23.81 18.65 -32.12
CA SER A 208 22.70 17.76 -32.44
C SER A 208 22.10 17.17 -31.16
N PRO A 209 20.79 17.36 -30.98
CA PRO A 209 20.05 16.83 -29.82
C PRO A 209 19.94 15.32 -29.87
N ILE A 210 20.08 14.67 -28.72
CA ILE A 210 19.82 13.24 -28.63
C ILE A 210 18.33 12.99 -28.69
N VAL A 211 17.90 12.08 -29.55
CA VAL A 211 16.48 11.86 -29.79
C VAL A 211 16.04 10.45 -29.45
N LYS A 212 14.96 10.34 -28.69
CA LYS A 212 14.35 9.04 -28.37
C LYS A 212 12.86 9.07 -28.69
N SER A 213 12.37 7.99 -29.29
CA SER A 213 10.98 7.94 -29.72
C SER A 213 10.35 6.57 -29.54
N PHE A 214 9.01 6.56 -29.60
CA PHE A 214 8.26 5.32 -29.61
C PHE A 214 6.88 5.59 -30.23
N ASN A 215 6.33 4.59 -30.89
CA ASN A 215 5.00 4.71 -31.48
C ASN A 215 3.97 3.95 -30.64
N ARG A 216 2.85 4.62 -30.35
CA ARG A 216 1.81 4.01 -29.52
C ARG A 216 1.23 2.77 -30.20
N ASN A 217 1.44 2.67 -31.51
CA ASN A 217 1.00 1.49 -32.26
C ASN A 217 1.92 0.30 -32.01
N GLU A 218 2.51 0.25 -30.82
CA GLU A 218 3.44 -0.82 -30.46
C GLU A 218 3.22 -1.26 -29.02
N GLU B 1 26.01 2.66 21.37
CA GLU B 1 25.33 3.30 20.26
C GLU B 1 24.32 4.34 20.75
N VAL B 2 24.62 5.61 20.51
CA VAL B 2 23.73 6.70 20.85
C VAL B 2 22.65 6.84 19.78
N MET B 3 21.39 6.95 20.19
CA MET B 3 20.29 7.02 19.24
C MET B 3 19.25 8.09 19.58
N LEU B 4 18.83 8.82 18.54
CA LEU B 4 17.77 9.81 18.65
C LEU B 4 16.74 9.56 17.56
N VAL B 5 15.47 9.46 17.95
CA VAL B 5 14.41 9.21 16.98
C VAL B 5 13.20 10.13 17.19
N GLU B 6 13.02 11.08 16.28
CA GLU B 6 11.86 11.97 16.32
C GLU B 6 10.61 11.23 15.88
N SER B 7 9.45 11.71 16.32
CA SER B 7 8.18 11.12 15.94
C SER B 7 7.05 12.13 16.07
N GLY B 8 5.97 11.90 15.32
CA GLY B 8 4.79 12.74 15.42
C GLY B 8 4.61 13.68 14.24
N GLY B 9 5.58 13.68 13.33
CA GLY B 9 5.51 14.53 12.16
C GLY B 9 4.38 14.14 11.24
N GLY B 10 4.08 15.01 10.28
CA GLY B 10 3.02 14.75 9.32
C GLY B 10 2.28 16.00 8.92
N LEU B 11 1.00 15.84 8.57
CA LEU B 11 0.17 16.96 8.16
C LEU B 11 -0.61 17.56 9.33
N VAL B 12 -0.58 18.87 9.43
CA VAL B 12 -1.36 19.57 10.44
C VAL B 12 -2.05 20.79 9.82
N GLN B 13 -3.33 20.95 10.12
CA GLN B 13 -4.11 22.03 9.55
C GLN B 13 -3.68 23.38 10.13
N PRO B 14 -3.73 24.44 9.30
CA PRO B 14 -3.38 25.79 9.75
C PRO B 14 -4.16 26.19 11.00
N GLY B 15 -3.45 26.70 12.00
CA GLY B 15 -4.09 27.15 13.23
C GLY B 15 -4.02 26.12 14.34
N ASN B 16 -3.88 24.86 13.97
CA ASN B 16 -3.84 23.77 14.95
C ASN B 16 -2.49 23.62 15.64
N SER B 17 -2.41 22.64 16.53
CA SER B 17 -1.20 22.38 17.29
C SER B 17 -0.68 20.97 17.04
N LEU B 18 0.53 20.70 17.51
CA LEU B 18 1.16 19.40 17.31
C LEU B 18 2.26 19.17 18.33
N ARG B 19 2.43 17.93 18.77
CA ARG B 19 3.49 17.61 19.71
C ARG B 19 4.45 16.57 19.14
N LEU B 20 5.73 16.93 19.07
CA LEU B 20 6.75 16.03 18.57
C LEU B 20 7.50 15.39 19.73
N SER B 21 7.91 14.14 19.55
CA SER B 21 8.66 13.44 20.58
C SER B 21 10.00 12.97 20.05
N CYS B 22 11.00 12.95 20.93
CA CYS B 22 12.34 12.55 20.55
C CYS B 22 12.87 11.47 21.48
N ALA B 23 12.55 10.22 21.17
CA ALA B 23 13.01 9.10 21.98
C ALA B 23 14.53 9.01 21.91
N THR B 24 15.15 8.73 23.05
CA THR B 24 16.61 8.64 23.11
C THR B 24 17.09 7.42 23.90
N SER B 25 18.35 7.06 23.69
CA SER B 25 18.98 5.97 24.42
C SER B 25 20.47 5.94 24.10
N GLY B 26 21.24 5.23 24.92
CA GLY B 26 22.67 5.07 24.68
C GLY B 26 23.52 6.02 25.49
N PHE B 27 22.88 6.89 26.28
CA PHE B 27 23.60 7.84 27.13
C PHE B 27 22.75 8.25 28.32
N THR B 28 23.40 8.83 29.32
CA THR B 28 22.69 9.34 30.50
C THR B 28 21.88 10.57 30.13
N PHE B 29 20.60 10.36 29.85
CA PHE B 29 19.73 11.43 29.36
C PHE B 29 19.79 12.70 30.21
N THR B 30 19.61 12.55 31.52
CA THR B 30 19.51 13.70 32.42
C THR B 30 20.79 14.55 32.48
N ASP B 31 21.89 14.01 31.96
CA ASP B 31 23.16 14.72 31.97
C ASP B 31 23.23 15.81 30.89
N TYR B 32 22.39 15.69 29.88
CA TYR B 32 22.53 16.52 28.68
C TYR B 32 21.43 17.57 28.48
N TYR B 33 21.85 18.76 28.05
CA TYR B 33 20.94 19.72 27.47
C TYR B 33 20.39 19.06 26.22
N MET B 34 19.16 19.41 25.85
CA MET B 34 18.58 18.91 24.61
C MET B 34 18.04 20.06 23.77
N SER B 35 18.37 20.06 22.48
CA SER B 35 17.94 21.13 21.59
C SER B 35 17.03 20.64 20.46
N TRP B 36 16.16 21.53 20.01
CA TRP B 36 15.35 21.27 18.82
C TRP B 36 15.80 22.21 17.71
N VAL B 37 15.88 21.67 16.50
CA VAL B 37 16.31 22.44 15.33
C VAL B 37 15.38 22.13 14.18
N ARG B 38 14.94 23.16 13.46
CA ARG B 38 14.06 22.95 12.31
C ARG B 38 14.67 23.50 11.04
N GLN B 39 14.14 23.05 9.90
CA GLN B 39 14.69 23.45 8.61
C GLN B 39 13.64 23.36 7.51
N PRO B 40 13.15 24.52 7.05
CA PRO B 40 12.21 24.55 5.93
C PRO B 40 12.88 23.98 4.67
N PRO B 41 12.08 23.38 3.77
CA PRO B 41 12.62 22.80 2.54
C PRO B 41 13.51 23.80 1.80
N GLY B 42 14.76 23.40 1.56
CA GLY B 42 15.69 24.23 0.80
C GLY B 42 16.20 25.44 1.56
N LYS B 43 15.92 25.48 2.86
CA LYS B 43 16.34 26.61 3.69
C LYS B 43 17.35 26.20 4.77
N ALA B 44 17.81 27.17 5.54
CA ALA B 44 18.85 26.92 6.52
C ALA B 44 18.31 26.36 7.83
N LEU B 45 19.19 25.78 8.62
CA LEU B 45 18.84 25.27 9.94
C LEU B 45 18.50 26.43 10.87
N GLU B 46 17.52 26.22 11.74
CA GLU B 46 17.15 27.23 12.73
C GLU B 46 17.03 26.63 14.12
N TRP B 47 17.87 27.09 15.03
CA TRP B 47 17.78 26.69 16.43
C TRP B 47 16.51 27.28 17.03
N LEU B 48 15.72 26.44 17.68
CA LEU B 48 14.42 26.84 18.21
C LEU B 48 14.48 27.08 19.71
N GLY B 49 15.24 26.24 20.42
CA GLY B 49 15.37 26.37 21.86
C GLY B 49 15.90 25.09 22.47
N PHE B 50 16.17 25.13 23.77
CA PHE B 50 16.62 23.91 24.46
C PHE B 50 16.10 23.80 25.89
N ILE B 51 16.32 22.64 26.48
CA ILE B 51 16.03 22.43 27.90
C ILE B 51 17.29 21.87 28.56
N ARG B 52 17.68 22.47 29.68
CA ARG B 52 18.94 22.13 30.33
C ARG B 52 18.90 20.79 31.06
N ASN B 53 20.05 20.37 31.58
CA ASN B 53 20.16 19.09 32.27
C ASN B 53 19.58 19.15 33.68
N LYS B 54 19.69 18.04 34.40
CA LYS B 54 19.18 17.96 35.76
C LYS B 54 19.88 18.95 36.68
N ALA B 55 21.19 19.08 36.53
CA ALA B 55 21.98 19.96 37.38
C ALA B 55 21.51 21.41 37.28
N LYS B 56 20.97 21.77 36.12
CA LYS B 56 20.50 23.14 35.88
C LYS B 56 19.01 23.28 36.09
N GLY B 57 18.37 22.20 36.54
CA GLY B 57 16.96 22.22 36.86
C GLY B 57 16.03 22.15 35.66
N TYR B 58 16.55 21.68 34.53
CA TYR B 58 15.75 21.50 33.33
C TYR B 58 15.07 22.80 32.89
N THR B 59 15.78 23.91 33.02
CA THR B 59 15.25 25.21 32.61
C THR B 59 15.28 25.35 31.09
N THR B 60 14.25 25.99 30.54
CA THR B 60 14.09 26.11 29.10
C THR B 60 14.49 27.48 28.56
N GLU B 61 14.83 27.52 27.27
CA GLU B 61 15.12 28.76 26.56
C GLU B 61 14.67 28.61 25.12
N TYR B 62 14.23 29.69 24.50
CA TYR B 62 13.75 29.63 23.12
C TYR B 62 14.24 30.80 22.28
N SER B 63 14.37 30.57 20.98
CA SER B 63 14.73 31.64 20.05
C SER B 63 13.63 32.69 19.99
N ALA B 64 13.99 33.89 19.55
CA ALA B 64 13.04 35.01 19.50
C ALA B 64 11.84 34.72 18.61
N SER B 65 12.04 33.91 17.57
CA SER B 65 11.00 33.71 16.55
C SER B 65 9.89 32.77 17.01
N VAL B 66 10.16 31.93 18.01
CA VAL B 66 9.17 30.94 18.44
C VAL B 66 8.65 31.18 19.85
N LYS B 67 9.19 32.18 20.54
CA LYS B 67 8.76 32.51 21.90
C LYS B 67 7.24 32.56 22.01
N GLY B 68 6.71 31.96 23.07
CA GLY B 68 5.28 32.00 23.34
C GLY B 68 4.47 31.21 22.33
N ARG B 69 5.16 30.41 21.51
CA ARG B 69 4.48 29.63 20.50
C ARG B 69 4.93 28.17 20.50
N PHE B 70 6.21 27.94 20.80
CA PHE B 70 6.74 26.58 20.93
C PHE B 70 7.21 26.29 22.36
N THR B 71 6.94 25.07 22.82
CA THR B 71 7.29 24.68 24.18
C THR B 71 8.13 23.39 24.20
N ILE B 72 9.10 23.34 25.11
CA ILE B 72 9.95 22.17 25.25
C ILE B 72 9.82 21.54 26.64
N SER B 73 9.83 20.21 26.69
CA SER B 73 9.78 19.48 27.93
C SER B 73 10.44 18.12 27.76
N ARG B 74 10.64 17.40 28.86
CA ARG B 74 11.34 16.12 28.80
C ARG B 74 10.87 15.14 29.87
N ASP B 75 10.67 13.88 29.47
CA ASP B 75 10.35 12.79 30.38
C ASP B 75 11.65 12.08 30.77
N ASN B 76 12.17 12.39 31.95
CA ASN B 76 13.47 11.88 32.37
C ASN B 76 13.46 10.40 32.72
N SER B 77 12.27 9.86 32.96
CA SER B 77 12.14 8.44 33.28
C SER B 77 12.19 7.60 32.02
N GLN B 78 11.65 8.13 30.93
CA GLN B 78 11.65 7.42 29.65
C GLN B 78 12.71 7.94 28.69
N SER B 79 13.42 8.98 29.09
CA SER B 79 14.45 9.59 28.25
C SER B 79 13.85 10.06 26.94
N ILE B 80 12.68 10.72 27.01
CA ILE B 80 12.02 11.23 25.82
C ILE B 80 11.91 12.75 25.86
N LEU B 81 12.42 13.39 24.82
CA LEU B 81 12.30 14.84 24.66
C LEU B 81 11.04 15.19 23.89
N TYR B 82 10.43 16.33 24.20
CA TYR B 82 9.20 16.75 23.53
C TYR B 82 9.29 18.15 22.93
N LEU B 83 8.45 18.41 21.95
CA LEU B 83 8.32 19.76 21.39
C LEU B 83 6.85 20.08 21.14
N GLN B 84 6.32 21.03 21.89
CA GLN B 84 4.92 21.44 21.74
C GLN B 84 4.78 22.60 20.78
N MET B 85 4.13 22.35 19.64
CA MET B 85 3.94 23.38 18.63
C MET B 85 2.49 23.85 18.58
N ASN B 86 2.27 25.11 18.92
CA ASN B 86 0.92 25.66 18.96
C ASN B 86 0.67 26.71 17.88
N THR B 87 -0.57 26.75 17.39
CA THR B 87 -0.99 27.74 16.40
C THR B 87 -0.03 27.78 15.21
N LEU B 88 -0.01 26.69 14.45
CA LEU B 88 0.95 26.54 13.36
C LEU B 88 0.48 27.21 12.07
N ARG B 89 1.43 27.78 11.34
CA ARG B 89 1.17 28.27 9.99
C ARG B 89 2.16 27.68 8.99
N ALA B 90 1.97 28.00 7.71
CA ALA B 90 2.76 27.39 6.65
C ALA B 90 4.26 27.60 6.81
N GLU B 91 4.63 28.70 7.46
CA GLU B 91 6.04 29.00 7.69
C GLU B 91 6.66 27.99 8.64
N ASP B 92 5.80 27.27 9.37
CA ASP B 92 6.25 26.27 10.31
C ASP B 92 6.50 24.93 9.63
N SER B 93 6.11 24.84 8.35
CA SER B 93 6.36 23.64 7.56
C SER B 93 7.85 23.44 7.42
N ALA B 94 8.36 22.37 8.00
CA ALA B 94 9.79 22.10 7.97
C ALA B 94 10.14 20.74 8.54
N THR B 95 11.40 20.34 8.37
CA THR B 95 11.91 19.14 9.01
C THR B 95 12.40 19.50 10.40
N TYR B 96 11.97 18.72 11.39
CA TYR B 96 12.33 19.01 12.78
C TYR B 96 13.30 17.98 13.36
N TYR B 97 14.46 18.46 13.78
CA TYR B 97 15.49 17.62 14.37
C TYR B 97 15.58 17.83 15.88
N CYS B 98 15.88 16.75 16.58
CA CYS B 98 16.32 16.85 17.97
C CYS B 98 17.79 16.51 18.01
N ALA B 99 18.54 17.22 18.82
CA ALA B 99 19.98 17.01 18.90
C ALA B 99 20.45 17.03 20.34
N ARG B 100 21.38 16.14 20.67
CA ARG B 100 21.96 16.14 22.01
C ARG B 100 22.87 17.35 22.15
N ASP B 101 22.59 18.18 23.15
CA ASP B 101 23.35 19.40 23.36
C ASP B 101 24.49 19.13 24.35
N ILE B 102 24.91 20.15 25.07
CA ILE B 102 26.06 20.01 25.97
C ILE B 102 25.73 19.30 27.28
N SER B 103 26.76 18.77 27.92
CA SER B 103 26.66 18.23 29.27
C SER B 103 27.83 18.78 30.09
N PRO B 104 27.66 20.00 30.61
CA PRO B 104 28.72 20.77 31.28
C PRO B 104 28.94 20.33 32.72
N SER B 105 28.00 19.56 33.25
CA SER B 105 28.00 19.23 34.67
C SER B 105 28.71 17.93 34.99
N TYR B 106 28.76 17.02 34.02
CA TYR B 106 29.38 15.72 34.22
C TYR B 106 29.94 15.14 32.92
N GLY B 107 31.06 14.44 33.02
CA GLY B 107 31.64 13.78 31.87
C GLY B 107 32.29 14.73 30.88
N VAL B 108 32.41 14.26 29.64
CA VAL B 108 33.04 15.04 28.59
C VAL B 108 32.19 16.26 28.21
N TYR B 109 32.79 17.45 28.31
CA TYR B 109 32.09 18.67 27.92
C TYR B 109 32.78 19.38 26.77
N TYR B 110 32.02 19.62 25.70
CA TYR B 110 32.49 20.47 24.61
C TYR B 110 31.32 21.03 23.82
N GLU B 111 31.48 22.26 23.35
CA GLU B 111 30.40 22.95 22.64
C GLU B 111 30.13 22.39 21.25
N GLY B 112 29.04 21.67 21.12
CA GLY B 112 28.62 21.10 19.84
C GLY B 112 27.55 20.03 19.98
N PHE B 113 26.71 19.89 18.96
CA PHE B 113 25.71 18.84 18.95
C PHE B 113 26.29 17.56 18.37
N ALA B 114 26.72 16.66 19.26
CA ALA B 114 27.40 15.44 18.86
C ALA B 114 26.50 14.49 18.07
N TYR B 115 25.23 14.44 18.44
CA TYR B 115 24.28 13.52 17.81
C TYR B 115 22.98 14.20 17.43
N TRP B 116 22.43 13.81 16.29
CA TRP B 116 21.15 14.31 15.83
C TRP B 116 20.20 13.15 15.57
N GLY B 117 18.91 13.46 15.42
CA GLY B 117 17.93 12.47 15.01
C GLY B 117 17.81 12.49 13.51
N GLN B 118 17.07 11.54 12.94
CA GLN B 118 16.90 11.48 11.50
C GLN B 118 16.00 12.62 11.03
N GLY B 119 15.23 13.18 11.95
CA GLY B 119 14.35 14.29 11.66
C GLY B 119 12.98 13.82 11.19
N THR B 120 11.97 14.64 11.44
CA THR B 120 10.61 14.33 11.00
C THR B 120 9.98 15.56 10.34
N LEU B 121 9.44 15.37 9.15
CA LEU B 121 8.87 16.47 8.40
C LEU B 121 7.48 16.85 8.91
N VAL B 122 7.30 18.13 9.20
CA VAL B 122 5.99 18.66 9.55
C VAL B 122 5.56 19.65 8.48
N THR B 123 4.37 19.45 7.94
CA THR B 123 3.85 20.34 6.92
C THR B 123 2.46 20.86 7.27
N VAL B 124 2.33 22.18 7.28
CA VAL B 124 1.09 22.83 7.69
C VAL B 124 0.27 23.24 6.46
N SER B 125 -0.83 22.54 6.24
CA SER B 125 -1.68 22.81 5.08
C SER B 125 -3.12 22.39 5.33
N ALA B 126 -4.05 23.09 4.68
CA ALA B 126 -5.46 22.77 4.79
C ALA B 126 -5.84 21.65 3.83
N ALA B 127 -4.84 21.15 3.10
CA ALA B 127 -5.07 20.12 2.09
C ALA B 127 -5.36 18.74 2.69
N THR B 128 -5.53 17.75 1.82
CA THR B 128 -5.92 16.40 2.23
C THR B 128 -4.74 15.43 2.21
N THR B 129 -4.66 14.58 3.23
CA THR B 129 -3.65 13.52 3.28
C THR B 129 -4.03 12.39 2.33
N THR B 130 -3.26 12.23 1.27
CA THR B 130 -3.56 11.22 0.26
C THR B 130 -2.33 10.42 -0.16
N ALA B 131 -2.41 9.10 -0.02
CA ALA B 131 -1.32 8.20 -0.39
C ALA B 131 -1.04 8.25 -1.89
N PRO B 132 0.19 7.88 -2.30
CA PRO B 132 0.60 7.99 -3.70
C PRO B 132 0.24 6.79 -4.55
N SER B 133 0.11 7.00 -5.86
CA SER B 133 0.00 5.90 -6.80
C SER B 133 1.39 5.61 -7.37
N VAL B 134 1.75 4.34 -7.47
CA VAL B 134 3.05 3.96 -7.97
C VAL B 134 2.96 3.23 -9.31
N TYR B 135 3.45 3.86 -10.36
CA TYR B 135 3.43 3.26 -11.69
C TYR B 135 4.84 2.88 -12.14
N PRO B 136 4.97 1.76 -12.86
CA PRO B 136 6.26 1.26 -13.33
C PRO B 136 6.78 2.00 -14.55
N LEU B 137 8.09 2.22 -14.60
CA LEU B 137 8.75 2.79 -15.76
C LEU B 137 9.57 1.71 -16.45
N VAL B 138 9.12 1.27 -17.62
CA VAL B 138 9.80 0.21 -18.36
C VAL B 138 9.89 0.56 -19.84
N PRO B 139 10.97 0.11 -20.51
CA PRO B 139 11.24 0.40 -21.92
C PRO B 139 10.08 0.02 -22.84
N GLY B 140 10.02 0.64 -24.02
CA GLY B 140 8.98 0.38 -24.98
C GLY B 140 8.90 -1.08 -25.39
N GLY B 146 20.37 -3.48 -25.09
CA GLY B 146 21.77 -3.21 -24.82
C GLY B 146 22.30 -4.06 -23.67
N SER B 147 23.46 -3.68 -23.15
CA SER B 147 24.09 -4.43 -22.06
C SER B 147 23.48 -4.06 -20.71
N SER B 148 22.79 -2.93 -20.65
CA SER B 148 22.15 -2.50 -19.41
C SER B 148 20.74 -1.96 -19.68
N VAL B 149 19.89 -2.03 -18.67
CA VAL B 149 18.53 -1.54 -18.78
C VAL B 149 18.19 -0.60 -17.62
N THR B 150 17.47 0.47 -17.92
CA THR B 150 17.08 1.43 -16.90
C THR B 150 15.59 1.32 -16.57
N LEU B 151 15.29 0.95 -15.34
CA LEU B 151 13.92 0.83 -14.88
C LEU B 151 13.63 1.94 -13.86
N GLY B 152 12.37 2.10 -13.49
CA GLY B 152 12.01 3.12 -12.52
C GLY B 152 10.59 3.02 -12.01
N CYS B 153 10.23 3.92 -11.10
CA CYS B 153 8.89 3.98 -10.55
C CYS B 153 8.37 5.41 -10.49
N LEU B 154 7.29 5.67 -11.22
CA LEU B 154 6.65 6.97 -11.21
C LEU B 154 5.68 7.07 -10.04
N VAL B 155 5.92 8.05 -9.16
CA VAL B 155 5.09 8.21 -7.98
C VAL B 155 4.27 9.50 -8.08
N LYS B 156 2.94 9.36 -8.12
CA LYS B 156 2.09 10.53 -8.34
C LYS B 156 0.97 10.70 -7.31
N GLY B 157 0.45 11.92 -7.22
CA GLY B 157 -0.75 12.24 -6.48
C GLY B 157 -0.71 11.98 -4.99
N TYR B 158 0.42 12.26 -4.35
CA TYR B 158 0.51 12.09 -2.90
C TYR B 158 0.64 13.42 -2.17
N PHE B 159 0.18 13.44 -0.92
CA PHE B 159 0.28 14.64 -0.10
C PHE B 159 0.08 14.28 1.36
N PRO B 160 0.92 14.84 2.24
CA PRO B 160 2.02 15.72 1.85
C PRO B 160 3.32 14.94 1.67
N GLU B 161 4.44 15.64 1.61
CA GLU B 161 5.74 14.98 1.54
C GLU B 161 6.03 14.33 2.89
N PRO B 162 6.99 13.39 2.92
CA PRO B 162 7.73 12.92 1.74
C PRO B 162 7.31 11.52 1.33
N VAL B 163 7.97 11.01 0.29
CA VAL B 163 7.93 9.59 -0.01
C VAL B 163 9.37 9.10 -0.15
N THR B 164 9.65 7.92 0.38
CA THR B 164 10.96 7.31 0.18
C THR B 164 10.82 6.12 -0.76
N VAL B 165 11.81 5.94 -1.63
CA VAL B 165 11.80 4.82 -2.55
C VAL B 165 13.03 3.94 -2.37
N LYS B 166 12.80 2.65 -2.22
CA LYS B 166 13.89 1.69 -2.09
C LYS B 166 13.72 0.58 -3.12
N TRP B 167 14.84 0.08 -3.65
CA TRP B 167 14.79 -0.97 -4.65
C TRP B 167 15.24 -2.31 -4.09
N ASN B 168 14.47 -3.35 -4.39
CA ASN B 168 14.69 -4.67 -3.81
C ASN B 168 14.84 -4.60 -2.28
N TYR B 169 13.94 -3.84 -1.65
CA TYR B 169 13.95 -3.68 -0.19
C TYR B 169 15.29 -3.21 0.34
N GLY B 170 15.97 -2.37 -0.42
CA GLY B 170 17.24 -1.79 0.00
C GLY B 170 18.46 -2.56 -0.45
N ALA B 171 18.24 -3.74 -1.02
CA ALA B 171 19.35 -4.58 -1.49
C ALA B 171 19.95 -4.04 -2.79
N LEU B 172 19.10 -3.40 -3.59
CA LEU B 172 19.54 -2.79 -4.84
C LEU B 172 19.78 -1.30 -4.61
N SER B 173 21.04 -0.93 -4.37
CA SER B 173 21.37 0.43 -3.96
C SER B 173 22.25 1.20 -4.95
N SER B 174 22.83 0.48 -5.91
CA SER B 174 23.71 1.10 -6.90
C SER B 174 22.97 1.46 -8.18
N GLY B 175 23.31 2.62 -8.76
CA GLY B 175 22.70 3.06 -9.99
C GLY B 175 21.34 3.67 -9.80
N VAL B 176 21.03 4.05 -8.56
CA VAL B 176 19.73 4.62 -8.24
C VAL B 176 19.75 6.15 -8.34
N ARG B 177 18.74 6.69 -9.04
CA ARG B 177 18.61 8.14 -9.19
C ARG B 177 17.19 8.57 -8.85
N THR B 178 17.05 9.40 -7.83
CA THR B 178 15.75 9.90 -7.41
C THR B 178 15.68 11.42 -7.56
N VAL B 179 14.86 11.89 -8.50
CA VAL B 179 14.75 13.31 -8.77
C VAL B 179 13.85 14.00 -7.74
N SER B 180 14.06 15.30 -7.56
CA SER B 180 13.26 16.09 -6.64
C SER B 180 11.77 15.95 -6.96
N SER B 181 10.93 16.31 -5.98
CA SER B 181 9.49 16.23 -6.16
C SER B 181 8.95 17.54 -6.71
N VAL B 182 7.88 17.47 -7.48
CA VAL B 182 7.24 18.66 -8.01
C VAL B 182 5.80 18.78 -7.53
N LEU B 183 5.40 19.99 -7.20
CA LEU B 183 4.04 20.25 -6.73
C LEU B 183 3.17 20.75 -7.86
N GLN B 184 2.10 20.03 -8.17
CA GLN B 184 1.14 20.47 -9.17
C GLN B 184 -0.29 20.13 -8.76
N SER B 185 -1.16 21.12 -8.78
CA SER B 185 -2.57 20.94 -8.46
C SER B 185 -2.77 20.30 -7.08
N GLY B 186 -1.94 20.70 -6.12
CA GLY B 186 -2.07 20.27 -4.74
C GLY B 186 -1.43 18.93 -4.44
N PHE B 187 -0.80 18.32 -5.44
CA PHE B 187 -0.21 17.00 -5.27
C PHE B 187 1.24 16.92 -5.73
N TYR B 188 2.01 16.06 -5.06
CA TYR B 188 3.41 15.88 -5.39
C TYR B 188 3.62 14.66 -6.29
N SER B 189 4.73 14.67 -7.00
CA SER B 189 5.11 13.53 -7.82
C SER B 189 6.63 13.45 -7.93
N LEU B 190 7.16 12.25 -8.09
CA LEU B 190 8.57 12.07 -8.32
C LEU B 190 8.86 10.71 -8.96
N SER B 191 10.03 10.58 -9.58
CA SER B 191 10.41 9.32 -10.20
C SER B 191 11.78 8.87 -9.74
N SER B 192 11.88 7.60 -9.36
CA SER B 192 13.14 7.00 -8.97
C SER B 192 13.51 5.92 -9.99
N LEU B 193 14.75 5.95 -10.47
CA LEU B 193 15.19 4.99 -11.47
C LEU B 193 16.47 4.29 -11.08
N VAL B 194 16.66 3.08 -11.61
CA VAL B 194 17.85 2.30 -11.34
C VAL B 194 18.31 1.62 -12.63
N THR B 195 19.61 1.60 -12.86
CA THR B 195 20.18 0.97 -14.04
C THR B 195 20.86 -0.34 -13.66
N VAL B 196 20.49 -1.41 -14.34
CA VAL B 196 21.07 -2.73 -14.05
C VAL B 196 21.51 -3.41 -15.34
N PRO B 197 22.40 -4.40 -15.23
CA PRO B 197 22.79 -5.17 -16.41
C PRO B 197 21.58 -5.87 -17.01
N SER B 198 21.42 -5.80 -18.32
CA SER B 198 20.28 -6.41 -18.98
C SER B 198 20.17 -7.90 -18.67
N SER B 199 21.25 -8.47 -18.16
CA SER B 199 21.28 -9.89 -17.79
C SER B 199 20.63 -10.13 -16.43
N THR B 200 20.41 -9.05 -15.69
CA THR B 200 19.83 -9.15 -14.35
C THR B 200 18.31 -9.11 -14.40
N TRP B 201 17.77 -8.48 -15.44
CA TRP B 201 16.32 -8.30 -15.57
C TRP B 201 15.91 -8.48 -17.03
N PRO B 202 14.77 -9.14 -17.26
CA PRO B 202 13.82 -9.64 -16.27
C PRO B 202 14.16 -11.02 -15.72
N SER B 203 15.32 -11.54 -16.10
CA SER B 203 15.76 -12.86 -15.64
C SER B 203 15.61 -12.99 -14.13
N GLN B 204 15.84 -11.90 -13.41
CA GLN B 204 15.69 -11.87 -11.96
C GLN B 204 14.63 -10.85 -11.55
N THR B 205 14.46 -10.68 -10.24
CA THR B 205 13.40 -9.81 -9.73
C THR B 205 13.86 -8.39 -9.42
N VAL B 206 13.09 -7.43 -9.91
CA VAL B 206 13.33 -6.01 -9.59
C VAL B 206 12.08 -5.37 -9.02
N ILE B 207 12.18 -4.84 -7.81
CA ILE B 207 11.05 -4.24 -7.14
C ILE B 207 11.41 -2.88 -6.54
N CYS B 208 10.43 -1.99 -6.43
CA CYS B 208 10.61 -0.72 -5.73
C CYS B 208 9.62 -0.61 -4.58
N ASN B 209 10.08 -0.10 -3.45
CA ASN B 209 9.24 0.07 -2.27
C ASN B 209 9.02 1.55 -1.96
N VAL B 210 7.83 2.03 -2.23
CA VAL B 210 7.51 3.44 -2.03
C VAL B 210 6.79 3.63 -0.69
N ALA B 211 7.44 4.37 0.21
CA ALA B 211 6.88 4.62 1.54
C ALA B 211 6.38 6.07 1.66
N HIS B 212 5.17 6.22 2.18
CA HIS B 212 4.58 7.54 2.40
C HIS B 212 4.18 7.68 3.86
N PRO B 213 5.12 8.15 4.69
CA PRO B 213 5.00 8.25 6.16
C PRO B 213 3.72 8.91 6.62
N ALA B 214 3.27 9.93 5.88
CA ALA B 214 2.09 10.69 6.27
C ALA B 214 0.88 9.80 6.46
N SER B 215 0.57 8.99 5.45
CA SER B 215 -0.59 8.10 5.51
C SER B 215 -0.22 6.75 6.12
N LYS B 216 0.97 6.66 6.69
CA LYS B 216 1.45 5.39 7.25
C LYS B 216 1.25 4.28 6.23
N THR B 217 1.64 4.54 4.99
CA THR B 217 1.38 3.61 3.90
C THR B 217 2.64 3.27 3.10
N GLU B 218 2.84 1.98 2.85
CA GLU B 218 3.91 1.52 1.98
C GLU B 218 3.35 0.80 0.77
N LEU B 219 4.02 0.94 -0.37
CA LEU B 219 3.59 0.33 -1.62
C LEU B 219 4.75 -0.36 -2.30
N ILE B 220 4.55 -1.62 -2.69
CA ILE B 220 5.56 -2.33 -3.45
C ILE B 220 5.10 -2.46 -4.90
N LYS B 221 6.06 -2.38 -5.81
CA LYS B 221 5.75 -2.41 -7.24
C LYS B 221 6.78 -3.26 -7.98
N ARG B 222 6.39 -4.49 -8.33
CA ARG B 222 7.28 -5.36 -9.08
C ARG B 222 7.37 -4.92 -10.54
N ILE B 223 8.59 -4.79 -11.05
CA ILE B 223 8.81 -4.33 -12.41
C ILE B 223 8.78 -5.49 -13.40
N GLU B 224 7.67 -5.64 -14.11
CA GLU B 224 7.51 -6.72 -15.08
C GLU B 224 7.74 -6.20 -16.51
N PRO B 225 8.17 -7.09 -17.41
CA PRO B 225 8.34 -6.74 -18.82
C PRO B 225 7.02 -6.31 -19.45
N ARG B 226 7.08 -5.73 -20.65
CA ARG B 226 5.86 -5.36 -21.37
C ARG B 226 5.32 -6.54 -22.17
N ILE C 2 -31.75 -30.57 -18.98
CA ILE C 2 -32.27 -31.21 -17.79
C ILE C 2 -32.36 -30.24 -16.61
N VAL C 3 -33.54 -30.16 -16.01
CA VAL C 3 -33.77 -29.26 -14.89
C VAL C 3 -33.37 -29.91 -13.57
N MET C 4 -32.55 -29.20 -12.80
CA MET C 4 -32.11 -29.69 -11.49
C MET C 4 -32.64 -28.83 -10.36
N THR C 5 -33.27 -29.48 -9.38
CA THR C 5 -33.88 -28.78 -8.26
C THR C 5 -33.30 -29.24 -6.93
N GLN C 6 -33.10 -28.29 -6.01
CA GLN C 6 -32.56 -28.61 -4.69
C GLN C 6 -33.36 -27.99 -3.55
N SER C 7 -33.48 -28.74 -2.46
CA SER C 7 -34.20 -28.28 -1.28
C SER C 7 -33.65 -28.94 -0.02
N PRO C 8 -33.68 -28.20 1.10
CA PRO C 8 -34.13 -26.81 1.18
C PRO C 8 -33.11 -25.87 0.54
N SER C 9 -33.49 -24.62 0.34
CA SER C 9 -32.54 -23.62 -0.18
C SER C 9 -31.47 -23.34 0.86
N SER C 10 -31.82 -23.54 2.14
CA SER C 10 -30.86 -23.42 3.22
C SER C 10 -31.42 -24.05 4.49
N LEU C 11 -30.54 -24.50 5.37
CA LEU C 11 -30.95 -25.09 6.64
C LEU C 11 -29.81 -25.03 7.65
N ALA C 12 -30.18 -25.06 8.93
CA ALA C 12 -29.18 -25.03 9.99
C ALA C 12 -29.40 -26.17 10.99
N VAL C 13 -28.33 -26.92 11.26
CA VAL C 13 -28.37 -27.96 12.27
C VAL C 13 -27.17 -27.84 13.20
N SER C 14 -27.33 -28.30 14.44
CA SER C 14 -26.26 -28.24 15.42
C SER C 14 -25.23 -29.34 15.16
N ALA C 15 -23.97 -29.06 15.50
CA ALA C 15 -22.90 -30.04 15.33
C ALA C 15 -23.27 -31.36 16.00
N GLY C 16 -22.91 -32.46 15.36
CA GLY C 16 -23.20 -33.78 15.91
C GLY C 16 -24.56 -34.29 15.45
N GLU C 17 -25.34 -33.40 14.85
CA GLU C 17 -26.66 -33.76 14.34
C GLU C 17 -26.57 -34.22 12.89
N LYS C 18 -27.50 -35.09 12.51
CA LYS C 18 -27.60 -35.56 11.14
C LYS C 18 -28.15 -34.46 10.24
N VAL C 19 -27.85 -34.52 8.95
CA VAL C 19 -28.38 -33.54 8.01
C VAL C 19 -28.78 -34.24 6.71
N THR C 20 -29.78 -33.69 6.03
CA THR C 20 -30.28 -34.29 4.80
C THR C 20 -30.66 -33.23 3.77
N MET C 21 -30.41 -33.54 2.50
CA MET C 21 -30.70 -32.60 1.42
C MET C 21 -31.33 -33.30 0.22
N SER C 22 -32.26 -32.60 -0.43
CA SER C 22 -32.93 -33.16 -1.61
C SER C 22 -32.36 -32.60 -2.91
N CYS C 23 -32.13 -33.48 -3.87
CA CYS C 23 -31.75 -33.10 -5.22
C CYS C 23 -32.64 -33.82 -6.22
N LYS C 24 -33.40 -33.05 -7.00
CA LYS C 24 -34.38 -33.62 -7.92
C LYS C 24 -34.06 -33.25 -9.37
N SER C 25 -34.10 -34.24 -10.26
CA SER C 25 -33.85 -34.01 -11.68
C SER C 25 -35.14 -34.14 -12.48
N SER C 26 -35.23 -33.40 -13.59
CA SER C 26 -36.43 -33.41 -14.42
C SER C 26 -36.55 -34.72 -15.21
N GLN C 27 -35.42 -35.35 -15.46
CA GLN C 27 -35.39 -36.64 -16.14
C GLN C 27 -34.55 -37.63 -15.35
N SER C 28 -34.71 -38.92 -15.65
CA SER C 28 -33.91 -39.95 -15.01
C SER C 28 -32.44 -39.78 -15.38
N LEU C 29 -31.57 -39.82 -14.37
CA LEU C 29 -30.14 -39.71 -14.59
C LEU C 29 -29.51 -41.08 -14.74
N LEU C 30 -30.35 -42.10 -14.87
CA LEU C 30 -29.88 -43.47 -14.98
C LEU C 30 -29.26 -43.73 -16.35
N ASN C 31 -28.01 -44.19 -16.35
CA ASN C 31 -27.35 -44.62 -17.57
C ASN C 31 -27.51 -46.13 -17.73
N SER C 32 -28.47 -46.53 -18.55
CA SER C 32 -28.85 -47.94 -18.66
C SER C 32 -27.75 -48.86 -19.18
N ARG C 33 -26.63 -48.29 -19.61
CA ARG C 33 -25.52 -49.12 -20.08
C ARG C 33 -24.56 -49.43 -18.94
N THR C 34 -24.26 -48.42 -18.13
CA THR C 34 -23.39 -48.59 -16.97
C THR C 34 -24.23 -48.95 -15.74
N ARG C 35 -25.54 -48.81 -15.87
CA ARG C 35 -26.47 -49.05 -14.77
C ARG C 35 -26.13 -48.20 -13.55
N LYS C 36 -25.62 -47.00 -13.80
CA LYS C 36 -25.31 -46.04 -12.75
C LYS C 36 -26.04 -44.73 -12.99
N ASN C 37 -26.30 -43.98 -11.93
CA ASN C 37 -26.90 -42.67 -12.07
C ASN C 37 -25.83 -41.59 -12.11
N TYR C 38 -25.89 -40.76 -13.14
CA TYR C 38 -24.88 -39.72 -13.35
C TYR C 38 -25.18 -38.46 -12.53
N LEU C 39 -25.14 -38.60 -11.22
CA LEU C 39 -25.34 -37.47 -10.32
C LEU C 39 -24.17 -37.34 -9.35
N ALA C 40 -23.70 -36.11 -9.15
CA ALA C 40 -22.59 -35.85 -8.24
C ALA C 40 -22.94 -34.76 -7.23
N TRP C 41 -22.28 -34.79 -6.08
CA TRP C 41 -22.44 -33.74 -5.08
C TRP C 41 -21.13 -32.97 -4.91
N TYR C 42 -21.24 -31.65 -4.85
CA TYR C 42 -20.07 -30.79 -4.65
C TYR C 42 -20.26 -29.90 -3.43
N GLN C 43 -19.19 -29.72 -2.67
CA GLN C 43 -19.22 -28.87 -1.48
C GLN C 43 -18.45 -27.58 -1.74
N GLN C 44 -19.11 -26.45 -1.60
CA GLN C 44 -18.44 -25.17 -1.78
C GLN C 44 -18.42 -24.34 -0.49
N LYS C 45 -17.24 -24.23 0.11
CA LYS C 45 -17.07 -23.43 1.32
C LYS C 45 -16.82 -21.97 0.94
N PRO C 46 -17.10 -21.04 1.86
CA PRO C 46 -16.96 -19.61 1.57
C PRO C 46 -15.58 -19.25 1.03
N GLY C 47 -15.56 -18.58 -0.12
CA GLY C 47 -14.31 -18.12 -0.71
C GLY C 47 -13.47 -19.22 -1.35
N GLN C 48 -14.04 -20.41 -1.47
CA GLN C 48 -13.31 -21.55 -2.03
C GLN C 48 -13.95 -22.08 -3.30
N SER C 49 -13.18 -22.86 -4.06
CA SER C 49 -13.69 -23.53 -5.23
C SER C 49 -14.47 -24.77 -4.80
N PRO C 50 -15.39 -25.24 -5.65
CA PRO C 50 -16.19 -26.43 -5.32
C PRO C 50 -15.31 -27.67 -5.18
N LYS C 51 -15.74 -28.60 -4.33
CA LYS C 51 -15.00 -29.85 -4.14
C LYS C 51 -15.93 -31.05 -4.29
N LEU C 52 -15.48 -32.07 -5.03
CA LEU C 52 -16.28 -33.27 -5.26
C LEU C 52 -16.35 -34.13 -4.00
N LEU C 53 -17.58 -34.42 -3.55
CA LEU C 53 -17.77 -35.28 -2.38
C LEU C 53 -18.29 -36.66 -2.79
N ILE C 54 -19.35 -36.68 -3.59
CA ILE C 54 -19.98 -37.93 -4.01
C ILE C 54 -20.16 -37.96 -5.52
N TYR C 55 -19.89 -39.11 -6.12
CA TYR C 55 -20.18 -39.30 -7.54
C TYR C 55 -20.88 -40.64 -7.77
N TRP C 56 -21.48 -40.81 -8.94
CA TRP C 56 -22.35 -41.95 -9.21
C TRP C 56 -23.41 -42.11 -8.12
N ALA C 57 -23.88 -40.96 -7.61
CA ALA C 57 -24.95 -40.93 -6.62
C ALA C 57 -24.52 -41.32 -5.21
N SER C 58 -23.76 -42.41 -5.08
CA SER C 58 -23.45 -42.93 -3.76
C SER C 58 -22.02 -43.43 -3.58
N THR C 59 -21.11 -42.99 -4.45
CA THR C 59 -19.70 -43.33 -4.28
C THR C 59 -18.93 -42.13 -3.73
N ARG C 60 -18.34 -42.32 -2.56
CA ARG C 60 -17.58 -41.25 -1.92
C ARG C 60 -16.25 -41.03 -2.63
N GLU C 61 -15.88 -39.77 -2.83
CA GLU C 61 -14.63 -39.44 -3.50
C GLU C 61 -13.45 -39.57 -2.53
N SER C 62 -12.26 -39.77 -3.08
CA SER C 62 -11.05 -39.88 -2.27
C SER C 62 -10.92 -38.70 -1.30
N GLY C 63 -10.44 -38.99 -0.10
CA GLY C 63 -10.16 -37.93 0.86
C GLY C 63 -11.39 -37.37 1.55
N VAL C 64 -12.57 -37.77 1.08
CA VAL C 64 -13.80 -37.32 1.68
C VAL C 64 -14.16 -38.19 2.89
N PRO C 65 -14.35 -37.56 4.06
CA PRO C 65 -14.65 -38.27 5.31
C PRO C 65 -15.88 -39.16 5.18
N ASP C 66 -15.89 -40.27 5.90
CA ASP C 66 -17.01 -41.20 5.90
C ASP C 66 -18.29 -40.47 6.30
N ARG C 67 -18.11 -39.35 7.00
CA ARG C 67 -19.22 -38.54 7.47
C ARG C 67 -20.25 -38.29 6.38
N PHE C 68 -19.78 -38.06 5.16
CA PHE C 68 -20.67 -37.74 4.03
C PHE C 68 -21.15 -38.98 3.30
N THR C 69 -22.45 -39.02 2.99
CA THR C 69 -23.06 -40.14 2.32
C THR C 69 -24.10 -39.67 1.30
N GLY C 70 -24.21 -40.39 0.20
CA GLY C 70 -25.19 -40.06 -0.82
C GLY C 70 -26.06 -41.25 -1.20
N SER C 71 -27.29 -40.96 -1.57
CA SER C 71 -28.23 -42.00 -1.96
C SER C 71 -29.25 -41.47 -2.96
N GLY C 72 -29.99 -42.37 -3.60
CA GLY C 72 -31.01 -41.97 -4.54
C GLY C 72 -30.88 -42.66 -5.87
N SER C 73 -31.95 -42.63 -6.65
CA SER C 73 -31.97 -43.27 -7.96
C SER C 73 -33.00 -42.60 -8.85
N GLY C 74 -32.87 -42.78 -10.16
CA GLY C 74 -33.81 -42.22 -11.11
C GLY C 74 -33.76 -40.70 -11.20
N THR C 75 -34.62 -40.05 -10.43
CA THR C 75 -34.72 -38.59 -10.47
C THR C 75 -34.67 -37.98 -9.06
N ASP C 76 -34.57 -38.82 -8.05
CA ASP C 76 -34.55 -38.35 -6.67
C ASP C 76 -33.26 -38.76 -5.95
N PHE C 77 -32.60 -37.78 -5.32
CA PHE C 77 -31.33 -38.03 -4.67
C PHE C 77 -31.17 -37.22 -3.39
N THR C 78 -30.36 -37.74 -2.47
CA THR C 78 -30.18 -37.11 -1.17
C THR C 78 -28.73 -37.14 -0.71
N LEU C 79 -28.27 -36.02 -0.14
CA LEU C 79 -26.96 -35.96 0.49
C LEU C 79 -27.14 -35.99 2.01
N THR C 80 -26.34 -36.81 2.68
CA THR C 80 -26.47 -36.96 4.13
C THR C 80 -25.13 -36.81 4.85
N ILE C 81 -25.12 -35.93 5.87
CA ILE C 81 -23.98 -35.85 6.77
C ILE C 81 -24.41 -36.46 8.11
N SER C 82 -24.02 -37.71 8.34
CA SER C 82 -24.48 -38.46 9.50
C SER C 82 -24.29 -37.71 10.81
N SER C 83 -23.25 -36.89 10.89
CA SER C 83 -22.96 -36.12 12.09
C SER C 83 -22.11 -34.91 11.76
N VAL C 84 -22.77 -33.77 11.51
CA VAL C 84 -22.10 -32.58 11.01
C VAL C 84 -21.02 -32.04 11.93
N GLN C 85 -19.99 -31.44 11.34
CA GLN C 85 -18.97 -30.71 12.08
C GLN C 85 -19.10 -29.22 11.80
N ALA C 86 -18.37 -28.41 12.58
CA ALA C 86 -18.39 -26.97 12.38
C ALA C 86 -17.71 -26.58 11.08
N GLU C 87 -16.85 -27.47 10.58
CA GLU C 87 -16.12 -27.22 9.33
C GLU C 87 -17.00 -27.43 8.11
N ASP C 88 -18.12 -28.12 8.31
CA ASP C 88 -18.96 -28.56 7.20
C ASP C 88 -19.84 -27.46 6.62
N LEU C 89 -19.84 -26.29 7.25
CA LEU C 89 -20.66 -25.18 6.76
C LEU C 89 -20.24 -24.83 5.33
N ALA C 90 -21.19 -24.92 4.41
CA ALA C 90 -20.93 -24.67 3.00
C ALA C 90 -22.19 -24.79 2.15
N VAL C 91 -22.11 -24.35 0.91
CA VAL C 91 -23.17 -24.56 -0.05
C VAL C 91 -22.93 -25.90 -0.76
N TYR C 92 -23.95 -26.75 -0.76
CA TYR C 92 -23.82 -28.07 -1.39
C TYR C 92 -24.58 -28.12 -2.71
N TYR C 93 -23.88 -28.46 -3.78
CA TYR C 93 -24.48 -28.53 -5.11
C TYR C 93 -24.57 -29.96 -5.59
N CYS C 94 -25.64 -30.27 -6.32
CA CYS C 94 -25.72 -31.53 -7.04
C CYS C 94 -25.56 -31.26 -8.53
N LYS C 95 -25.15 -32.27 -9.28
CA LYS C 95 -24.87 -32.10 -10.70
C LYS C 95 -25.16 -33.36 -11.51
N GLN C 96 -26.00 -33.23 -12.52
CA GLN C 96 -26.27 -34.34 -13.43
C GLN C 96 -25.26 -34.32 -14.58
N SER C 97 -24.87 -35.50 -15.05
CA SER C 97 -23.94 -35.60 -16.17
C SER C 97 -24.34 -36.72 -17.13
N ASN C 98 -25.62 -37.03 -17.17
CA ASN C 98 -26.15 -38.04 -18.09
C ASN C 98 -26.31 -37.44 -19.48
N ASN C 99 -26.49 -36.12 -19.52
CA ASN C 99 -26.58 -35.37 -20.77
C ASN C 99 -25.91 -34.02 -20.58
N LEU C 100 -24.66 -33.93 -21.01
CA LEU C 100 -23.81 -32.78 -20.70
C LEU C 100 -23.77 -32.60 -19.19
N ARG C 101 -23.79 -31.36 -18.72
CA ARG C 101 -23.77 -31.12 -17.28
C ARG C 101 -24.74 -30.02 -16.86
N THR C 102 -25.36 -30.20 -15.69
CA THR C 102 -26.28 -29.22 -15.14
C THR C 102 -26.24 -29.23 -13.62
N PHE C 103 -25.95 -28.08 -13.02
CA PHE C 103 -25.87 -27.97 -11.57
C PHE C 103 -27.22 -27.56 -10.98
N GLY C 104 -27.48 -28.00 -9.74
CA GLY C 104 -28.65 -27.56 -9.01
C GLY C 104 -28.43 -26.18 -8.44
N GLY C 105 -29.46 -25.61 -7.83
CA GLY C 105 -29.39 -24.27 -7.28
C GLY C 105 -28.56 -24.19 -6.01
N GLY C 106 -28.19 -25.35 -5.47
CA GLY C 106 -27.38 -25.41 -4.27
C GLY C 106 -28.18 -25.27 -2.99
N THR C 107 -27.66 -25.86 -1.92
CA THR C 107 -28.29 -25.78 -0.61
C THR C 107 -27.29 -25.27 0.41
N LYS C 108 -27.61 -24.16 1.08
CA LYS C 108 -26.69 -23.54 2.03
C LYS C 108 -26.87 -24.07 3.45
N LEU C 109 -25.88 -24.83 3.92
CA LEU C 109 -25.90 -25.35 5.27
C LEU C 109 -25.21 -24.40 6.25
N GLU C 110 -25.91 -24.06 7.33
CA GLU C 110 -25.34 -23.29 8.42
C GLU C 110 -25.29 -24.12 9.68
N ILE C 111 -24.39 -23.78 10.60
CA ILE C 111 -24.23 -24.53 11.83
C ILE C 111 -24.94 -23.86 13.01
N LYS C 112 -25.81 -24.61 13.68
CA LYS C 112 -26.44 -24.12 14.90
C LYS C 112 -25.48 -24.20 16.07
N ARG C 113 -25.53 -23.21 16.94
CA ARG C 113 -24.76 -23.24 18.18
C ARG C 113 -25.51 -22.48 19.27
N ALA C 114 -25.10 -22.66 20.52
CA ALA C 114 -25.70 -21.94 21.63
C ALA C 114 -25.62 -20.44 21.36
N ASP C 115 -26.63 -19.71 21.80
CA ASP C 115 -26.66 -18.26 21.60
C ASP C 115 -25.44 -17.62 22.27
N ALA C 116 -24.95 -16.55 21.66
CA ALA C 116 -23.78 -15.84 22.19
C ALA C 116 -23.86 -14.35 21.87
N ALA C 117 -23.74 -13.53 22.91
CA ALA C 117 -23.78 -12.09 22.75
C ALA C 117 -22.53 -11.59 22.04
N PRO C 118 -22.64 -10.44 21.35
CA PRO C 118 -21.51 -9.88 20.60
C PRO C 118 -20.62 -8.99 21.46
N THR C 119 -19.33 -8.96 21.12
CA THR C 119 -18.40 -8.02 21.74
C THR C 119 -18.32 -6.79 20.84
N VAL C 120 -18.76 -5.65 21.35
CA VAL C 120 -18.91 -4.45 20.53
C VAL C 120 -17.73 -3.48 20.66
N SER C 121 -17.25 -3.01 19.52
CA SER C 121 -16.19 -2.02 19.47
C SER C 121 -16.61 -0.87 18.56
N ILE C 122 -16.32 0.36 18.98
CA ILE C 122 -16.65 1.53 18.18
C ILE C 122 -15.39 2.25 17.71
N PHE C 123 -15.35 2.58 16.43
CA PHE C 123 -14.18 3.25 15.85
C PHE C 123 -14.54 4.62 15.29
N PRO C 124 -14.03 5.68 15.93
CA PRO C 124 -14.19 7.03 15.40
C PRO C 124 -13.41 7.17 14.11
N PRO C 125 -13.79 8.14 13.25
CA PRO C 125 -13.06 8.37 12.00
C PRO C 125 -11.57 8.53 12.26
N SER C 126 -10.74 8.09 11.32
CA SER C 126 -9.31 8.31 11.42
C SER C 126 -9.00 9.76 11.08
N SER C 127 -8.09 10.37 11.83
CA SER C 127 -7.67 11.74 11.56
C SER C 127 -7.24 11.87 10.10
N GLU C 128 -6.64 10.81 9.57
CA GLU C 128 -6.23 10.79 8.18
C GLU C 128 -7.42 11.03 7.25
N GLN C 129 -8.51 10.30 7.47
CA GLN C 129 -9.70 10.43 6.64
C GLN C 129 -10.34 11.81 6.78
N LEU C 130 -10.43 12.29 8.03
CA LEU C 130 -11.04 13.57 8.29
C LEU C 130 -10.40 14.68 7.46
N THR C 131 -9.16 14.44 7.05
CA THR C 131 -8.43 15.39 6.23
C THR C 131 -9.10 15.62 4.88
N SER C 132 -9.97 14.70 4.48
CA SER C 132 -10.59 14.76 3.15
C SER C 132 -12.12 14.87 3.16
N GLY C 133 -12.64 15.75 4.01
CA GLY C 133 -14.06 16.07 3.97
C GLY C 133 -15.00 14.87 4.05
N GLY C 134 -14.53 13.77 4.62
CA GLY C 134 -15.35 12.58 4.76
C GLY C 134 -15.15 11.88 6.09
N ALA C 135 -16.25 11.37 6.65
CA ALA C 135 -16.18 10.69 7.94
C ALA C 135 -16.94 9.37 7.93
N SER C 136 -16.25 8.29 8.30
CA SER C 136 -16.86 6.97 8.40
C SER C 136 -16.77 6.49 9.84
N VAL C 137 -17.92 6.33 10.48
CA VAL C 137 -17.96 5.84 11.85
C VAL C 137 -18.35 4.36 11.84
N VAL C 138 -17.58 3.55 12.54
CA VAL C 138 -17.77 2.11 12.48
C VAL C 138 -18.09 1.46 13.82
N CYS C 139 -19.11 0.62 13.83
CA CYS C 139 -19.44 -0.19 14.99
C CYS C 139 -19.24 -1.66 14.63
N PHE C 140 -18.45 -2.36 15.44
CA PHE C 140 -18.09 -3.74 15.13
C PHE C 140 -18.58 -4.73 16.18
N LEU C 141 -19.47 -5.62 15.75
CA LEU C 141 -20.02 -6.66 16.62
C LEU C 141 -19.30 -7.97 16.33
N ASN C 142 -18.70 -8.55 17.37
CA ASN C 142 -17.79 -9.68 17.17
C ASN C 142 -18.27 -10.97 17.81
N ASN C 143 -18.26 -12.05 17.02
CA ASN C 143 -18.51 -13.39 17.52
C ASN C 143 -19.85 -13.54 18.26
N PHE C 144 -20.94 -13.46 17.51
CA PHE C 144 -22.28 -13.59 18.08
C PHE C 144 -23.14 -14.58 17.30
N TYR C 145 -24.14 -15.15 17.97
CA TYR C 145 -25.09 -16.04 17.32
C TYR C 145 -26.44 -15.92 18.01
N PRO C 146 -27.55 -15.95 17.23
CA PRO C 146 -27.62 -16.18 15.79
C PRO C 146 -27.10 -15.00 14.95
N LYS C 147 -27.35 -15.06 13.66
CA LYS C 147 -26.87 -14.05 12.71
C LYS C 147 -27.67 -12.77 12.78
N ASP C 148 -29.00 -12.91 12.85
CA ASP C 148 -29.89 -11.76 12.94
C ASP C 148 -29.49 -10.85 14.10
N ILE C 149 -29.21 -9.59 13.79
CA ILE C 149 -28.83 -8.63 14.82
C ILE C 149 -29.14 -7.20 14.38
N ASN C 150 -29.30 -6.31 15.34
CA ASN C 150 -29.68 -4.93 15.04
C ASN C 150 -28.71 -3.91 15.61
N VAL C 151 -28.45 -2.85 14.84
CA VAL C 151 -27.60 -1.76 15.29
C VAL C 151 -28.34 -0.42 15.20
N LYS C 152 -28.37 0.31 16.31
CA LYS C 152 -29.00 1.62 16.33
C LYS C 152 -27.94 2.69 16.54
N TRP C 153 -28.02 3.77 15.76
CA TRP C 153 -27.06 4.86 15.87
C TRP C 153 -27.68 6.10 16.51
N LYS C 154 -26.92 6.71 17.42
CA LYS C 154 -27.37 7.93 18.09
C LYS C 154 -26.33 9.03 17.99
N ILE C 155 -26.75 10.18 17.46
CA ILE C 155 -25.89 11.36 17.39
C ILE C 155 -26.41 12.41 18.37
N ASP C 156 -25.76 12.50 19.52
CA ASP C 156 -26.21 13.41 20.58
C ASP C 156 -27.60 13.04 21.06
N GLY C 157 -27.78 11.79 21.45
CA GLY C 157 -29.06 11.32 21.97
C GLY C 157 -30.06 11.00 20.87
N SER C 158 -30.08 11.80 19.82
CA SER C 158 -31.02 11.60 18.73
C SER C 158 -30.66 10.43 17.83
N GLU C 159 -31.66 9.61 17.51
CA GLU C 159 -31.46 8.45 16.65
C GLU C 159 -31.21 8.87 15.21
N ARG C 160 -30.17 8.28 14.61
CA ARG C 160 -29.78 8.60 13.24
C ARG C 160 -30.00 7.37 12.35
N GLN C 161 -30.77 7.52 11.29
CA GLN C 161 -31.09 6.41 10.40
C GLN C 161 -30.37 6.48 9.06
N ASN C 162 -30.27 7.68 8.49
CA ASN C 162 -29.64 7.86 7.18
C ASN C 162 -28.14 7.62 7.18
N GLY C 163 -27.64 6.99 6.13
CA GLY C 163 -26.21 6.81 5.94
C GLY C 163 -25.60 5.61 6.63
N VAL C 164 -26.44 4.62 6.95
CA VAL C 164 -25.96 3.42 7.62
C VAL C 164 -25.97 2.20 6.71
N LEU C 165 -24.91 1.42 6.78
CA LEU C 165 -24.82 0.16 6.03
C LEU C 165 -24.22 -0.93 6.92
N ASN C 166 -24.73 -2.15 6.77
CA ASN C 166 -24.27 -3.28 7.58
C ASN C 166 -23.70 -4.41 6.73
N SER C 167 -22.70 -5.09 7.26
CA SER C 167 -22.07 -6.20 6.55
C SER C 167 -21.63 -7.30 7.51
N TRP C 168 -22.01 -8.53 7.21
CA TRP C 168 -21.66 -9.68 8.04
C TRP C 168 -20.45 -10.41 7.48
N THR C 169 -19.70 -11.06 8.37
CA THR C 169 -18.67 -11.99 7.96
C THR C 169 -19.35 -13.35 7.76
N ASP C 170 -18.66 -14.26 7.08
CA ASP C 170 -19.18 -15.62 6.96
C ASP C 170 -19.09 -16.33 8.30
N GLN C 171 -19.88 -17.38 8.47
CA GLN C 171 -19.87 -18.14 9.73
C GLN C 171 -18.50 -18.76 9.98
N ASP C 172 -17.99 -18.59 11.20
CA ASP C 172 -16.68 -19.11 11.57
C ASP C 172 -16.62 -20.63 11.47
N SER C 173 -15.56 -21.15 10.88
CA SER C 173 -15.40 -22.58 10.65
C SER C 173 -15.14 -23.34 11.94
N LYS C 174 -14.84 -22.60 13.01
CA LYS C 174 -14.40 -23.21 14.26
C LYS C 174 -15.40 -23.05 15.41
N ASP C 175 -15.86 -21.81 15.62
CA ASP C 175 -16.79 -21.55 16.73
C ASP C 175 -18.19 -21.16 16.27
N SER C 176 -18.45 -21.27 14.98
CA SER C 176 -19.79 -21.10 14.41
C SER C 176 -20.43 -19.74 14.68
N THR C 177 -19.61 -18.74 14.98
CA THR C 177 -20.12 -17.40 15.29
C THR C 177 -20.12 -16.48 14.07
N TYR C 178 -20.81 -15.36 14.19
CA TYR C 178 -20.86 -14.35 13.15
C TYR C 178 -20.27 -13.04 13.67
N SER C 179 -19.77 -12.22 12.76
CA SER C 179 -19.37 -10.86 13.08
C SER C 179 -19.95 -9.94 12.03
N MET C 180 -20.04 -8.65 12.35
CA MET C 180 -20.62 -7.70 11.41
C MET C 180 -20.19 -6.29 11.77
N SER C 181 -20.12 -5.43 10.76
CA SER C 181 -19.76 -4.04 10.99
C SER C 181 -20.87 -3.13 10.49
N SER C 182 -21.15 -2.08 11.26
CA SER C 182 -22.14 -1.10 10.88
C SER C 182 -21.47 0.25 10.67
N THR C 183 -21.52 0.75 9.43
CA THR C 183 -20.83 1.99 9.11
C THR C 183 -21.79 3.15 8.91
N LEU C 184 -21.56 4.22 9.67
CA LEU C 184 -22.29 5.47 9.49
C LEU C 184 -21.43 6.44 8.69
N THR C 185 -21.88 6.77 7.48
CA THR C 185 -21.10 7.62 6.59
C THR C 185 -21.62 9.05 6.57
N LEU C 186 -20.74 9.98 6.98
CA LEU C 186 -21.08 11.39 7.03
C LEU C 186 -20.00 12.20 6.34
N THR C 187 -20.31 13.46 6.02
CA THR C 187 -19.30 14.38 5.53
C THR C 187 -18.55 14.96 6.73
N LYS C 188 -17.33 15.41 6.50
CA LYS C 188 -16.54 16.05 7.54
C LYS C 188 -17.37 17.11 8.25
N ASP C 189 -18.12 17.88 7.47
CA ASP C 189 -19.00 18.91 8.00
C ASP C 189 -19.98 18.33 9.03
N GLU C 190 -20.87 17.46 8.56
CA GLU C 190 -21.89 16.86 9.41
C GLU C 190 -21.30 16.24 10.67
N TYR C 191 -20.16 15.59 10.52
CA TYR C 191 -19.49 14.94 11.64
C TYR C 191 -19.09 15.95 12.72
N GLU C 192 -18.64 17.12 12.27
CA GLU C 192 -18.16 18.15 13.19
C GLU C 192 -19.28 18.97 13.82
N ARG C 193 -20.49 18.80 13.31
CA ARG C 193 -21.65 19.52 13.84
C ARG C 193 -22.20 18.84 15.09
N HIS C 194 -21.51 17.82 15.57
CA HIS C 194 -21.97 17.05 16.73
C HIS C 194 -20.81 16.50 17.56
N ASN C 195 -21.12 15.98 18.74
CA ASN C 195 -20.08 15.53 19.66
C ASN C 195 -20.21 14.07 20.10
N SER C 196 -21.42 13.68 20.52
CA SER C 196 -21.63 12.35 21.06
C SER C 196 -22.07 11.36 19.97
N TYR C 197 -21.33 10.26 19.85
CA TYR C 197 -21.64 9.23 18.88
C TYR C 197 -21.80 7.88 19.57
N THR C 198 -22.96 7.26 19.37
CA THR C 198 -23.30 6.02 20.06
C THR C 198 -23.91 5.00 19.12
N CYS C 199 -23.54 3.74 19.31
CA CYS C 199 -24.20 2.65 18.60
C CYS C 199 -24.71 1.61 19.60
N GLU C 200 -25.96 1.23 19.44
CA GLU C 200 -26.58 0.27 20.33
C GLU C 200 -26.84 -1.04 19.59
N ALA C 201 -26.39 -2.15 20.17
CA ALA C 201 -26.55 -3.45 19.55
C ALA C 201 -27.57 -4.30 20.29
N THR C 202 -28.69 -4.59 19.62
CA THR C 202 -29.72 -5.44 20.20
C THR C 202 -29.64 -6.85 19.65
N HIS C 203 -29.45 -7.81 20.55
CA HIS C 203 -29.34 -9.21 20.16
C HIS C 203 -30.22 -10.06 21.09
N LYS C 204 -30.72 -11.17 20.57
CA LYS C 204 -31.67 -12.00 21.32
C LYS C 204 -31.10 -12.48 22.66
N THR C 205 -29.77 -12.44 22.79
CA THR C 205 -29.12 -12.89 24.01
C THR C 205 -29.35 -11.94 25.19
N SER C 206 -30.06 -10.84 24.93
CA SER C 206 -30.34 -9.86 25.97
C SER C 206 -31.49 -8.93 25.61
N THR C 207 -32.18 -8.43 26.63
CA THR C 207 -33.25 -7.47 26.45
C THR C 207 -32.71 -6.06 26.33
N SER C 208 -31.66 -5.77 27.10
CA SER C 208 -31.00 -4.47 27.05
C SER C 208 -29.86 -4.45 26.05
N PRO C 209 -29.82 -3.44 25.18
CA PRO C 209 -28.79 -3.28 24.15
C PRO C 209 -27.40 -3.10 24.73
N ILE C 210 -26.38 -3.56 24.00
CA ILE C 210 -25.00 -3.31 24.39
C ILE C 210 -24.53 -2.00 23.78
N VAL C 211 -24.21 -1.04 24.63
CA VAL C 211 -23.92 0.32 24.18
C VAL C 211 -22.43 0.64 24.13
N LYS C 212 -22.01 1.29 23.04
CA LYS C 212 -20.65 1.79 22.90
C LYS C 212 -20.68 3.21 22.34
N SER C 213 -20.01 4.13 23.03
CA SER C 213 -20.07 5.53 22.66
C SER C 213 -18.72 6.23 22.71
N PHE C 214 -18.65 7.42 22.13
CA PHE C 214 -17.44 8.24 22.19
C PHE C 214 -17.79 9.69 21.88
N ASN C 215 -17.02 10.60 22.45
CA ASN C 215 -17.25 12.03 22.26
C ASN C 215 -16.17 12.64 21.38
N ARG C 216 -16.60 13.25 20.27
CA ARG C 216 -15.69 13.80 19.28
C ARG C 216 -14.67 14.74 19.91
N ASN C 217 -15.10 15.51 20.92
CA ASN C 217 -14.19 16.39 21.64
C ASN C 217 -12.90 15.70 22.07
N GLU D 1 0.83 -33.86 -7.94
CA GLU D 1 -0.22 -32.98 -7.46
C GLU D 1 -0.92 -32.31 -8.64
N VAL D 2 -2.24 -32.47 -8.72
CA VAL D 2 -2.99 -31.86 -9.80
C VAL D 2 -3.20 -30.36 -9.55
N MET D 3 -2.94 -29.55 -10.57
CA MET D 3 -3.13 -28.11 -10.46
C MET D 3 -3.87 -27.51 -11.65
N LEU D 4 -4.90 -26.71 -11.36
CA LEU D 4 -5.59 -25.93 -12.37
C LEU D 4 -5.52 -24.45 -12.01
N VAL D 5 -5.05 -23.62 -12.93
CA VAL D 5 -4.85 -22.21 -12.65
C VAL D 5 -5.45 -21.31 -13.73
N GLU D 6 -6.53 -20.62 -13.38
CA GLU D 6 -7.20 -19.73 -14.34
C GLU D 6 -6.54 -18.36 -14.39
N SER D 7 -6.52 -17.78 -15.58
CA SER D 7 -5.99 -16.44 -15.78
C SER D 7 -6.74 -15.73 -16.91
N GLY D 8 -6.69 -14.40 -16.89
CA GLY D 8 -7.33 -13.62 -17.93
C GLY D 8 -8.52 -12.83 -17.45
N GLY D 9 -8.92 -13.07 -16.20
CA GLY D 9 -10.06 -12.38 -15.62
C GLY D 9 -9.78 -10.91 -15.39
N GLY D 10 -10.80 -10.18 -14.96
CA GLY D 10 -10.65 -8.76 -14.68
C GLY D 10 -11.83 -7.94 -15.17
N LEU D 11 -11.59 -6.65 -15.38
CA LEU D 11 -12.64 -5.73 -15.84
C LEU D 11 -12.71 -5.72 -17.36
N VAL D 12 -13.91 -5.89 -17.90
CA VAL D 12 -14.10 -5.89 -19.34
C VAL D 12 -15.35 -5.14 -19.75
N GLN D 13 -15.19 -4.14 -20.61
CA GLN D 13 -16.31 -3.30 -21.01
C GLN D 13 -17.33 -4.11 -21.81
N PRO D 14 -18.62 -3.77 -21.64
CA PRO D 14 -19.74 -4.45 -22.29
C PRO D 14 -19.56 -4.52 -23.80
N GLY D 15 -19.87 -5.67 -24.39
CA GLY D 15 -19.78 -5.84 -25.83
C GLY D 15 -18.42 -6.30 -26.32
N ASN D 16 -17.40 -6.12 -25.49
CA ASN D 16 -16.03 -6.53 -25.85
C ASN D 16 -15.78 -8.03 -25.65
N SER D 17 -14.59 -8.46 -26.04
CA SER D 17 -14.21 -9.86 -25.91
C SER D 17 -13.16 -10.05 -24.83
N LEU D 18 -12.99 -11.30 -24.43
CA LEU D 18 -12.00 -11.67 -23.44
C LEU D 18 -11.72 -13.17 -23.55
N ARG D 19 -10.45 -13.55 -23.43
CA ARG D 19 -10.09 -14.96 -23.47
C ARG D 19 -9.47 -15.40 -22.17
N LEU D 20 -10.13 -16.34 -21.49
CA LEU D 20 -9.58 -16.90 -20.26
C LEU D 20 -8.74 -18.12 -20.59
N SER D 21 -7.67 -18.32 -19.84
CA SER D 21 -6.84 -19.50 -20.01
C SER D 21 -6.80 -20.31 -18.72
N CYS D 22 -6.50 -21.60 -18.84
CA CYS D 22 -6.43 -22.50 -17.70
C CYS D 22 -5.18 -23.37 -17.80
N ALA D 23 -4.20 -23.06 -16.96
CA ALA D 23 -2.96 -23.83 -16.94
C ALA D 23 -3.11 -25.07 -16.07
N THR D 24 -2.90 -26.24 -16.68
CA THR D 24 -3.06 -27.50 -15.97
C THR D 24 -1.72 -28.22 -15.85
N SER D 25 -1.60 -29.07 -14.82
CA SER D 25 -0.39 -29.84 -14.60
C SER D 25 -0.66 -30.95 -13.58
N GLY D 26 0.10 -32.02 -13.66
CA GLY D 26 -0.01 -33.11 -12.71
C GLY D 26 -0.82 -34.28 -13.20
N PHE D 27 -1.21 -34.26 -14.48
CA PHE D 27 -1.96 -35.36 -15.08
C PHE D 27 -1.85 -35.35 -16.59
N THR D 28 -2.25 -36.44 -17.22
CA THR D 28 -2.22 -36.52 -18.68
C THR D 28 -3.35 -35.69 -19.28
N PHE D 29 -3.03 -34.47 -19.69
CA PHE D 29 -4.01 -33.51 -20.16
C PHE D 29 -4.95 -34.07 -21.23
N THR D 30 -4.38 -34.67 -22.27
CA THR D 30 -5.16 -35.13 -23.42
C THR D 30 -6.13 -36.27 -23.08
N ASP D 31 -5.98 -36.83 -21.88
CA ASP D 31 -6.83 -37.94 -21.45
C ASP D 31 -8.17 -37.47 -20.93
N TYR D 32 -8.27 -36.20 -20.59
CA TYR D 32 -9.45 -35.70 -19.90
C TYR D 32 -10.29 -34.71 -20.70
N TYR D 33 -11.61 -34.83 -20.54
CA TYR D 33 -12.52 -33.75 -20.93
C TYR D 33 -12.18 -32.59 -20.01
N MET D 34 -12.42 -31.36 -20.48
CA MET D 34 -12.26 -30.19 -19.64
C MET D 34 -13.52 -29.32 -19.72
N SER D 35 -14.06 -28.94 -18.56
CA SER D 35 -15.27 -28.13 -18.53
C SER D 35 -15.03 -26.74 -17.95
N TRP D 36 -15.86 -25.79 -18.39
CA TRP D 36 -15.86 -24.46 -17.82
C TRP D 36 -17.13 -24.23 -17.02
N VAL D 37 -16.99 -23.65 -15.84
CA VAL D 37 -18.12 -23.41 -14.96
C VAL D 37 -17.99 -22.02 -14.35
N ARG D 38 -19.05 -21.22 -14.46
CA ARG D 38 -19.02 -19.87 -13.91
C ARG D 38 -19.98 -19.73 -12.74
N GLN D 39 -19.79 -18.69 -11.94
CA GLN D 39 -20.63 -18.45 -10.77
C GLN D 39 -20.73 -16.96 -10.45
N PRO D 40 -21.90 -16.36 -10.71
CA PRO D 40 -22.10 -14.96 -10.33
C PRO D 40 -21.98 -14.81 -8.82
N PRO D 41 -21.45 -13.67 -8.35
CA PRO D 41 -21.32 -13.46 -6.91
C PRO D 41 -22.61 -13.77 -6.16
N GLY D 42 -22.57 -14.73 -5.26
CA GLY D 42 -23.72 -15.06 -4.43
C GLY D 42 -24.74 -15.97 -5.10
N LYS D 43 -24.40 -16.52 -6.25
CA LYS D 43 -25.33 -17.37 -6.99
C LYS D 43 -24.81 -18.80 -7.18
N ALA D 44 -25.59 -19.61 -7.89
CA ALA D 44 -25.27 -21.02 -8.07
C ALA D 44 -24.23 -21.26 -9.17
N LEU D 45 -23.74 -22.49 -9.24
CA LEU D 45 -22.80 -22.90 -10.27
C LEU D 45 -23.53 -23.16 -11.59
N GLU D 46 -22.92 -22.74 -12.70
CA GLU D 46 -23.52 -22.95 -14.01
C GLU D 46 -22.51 -23.51 -15.01
N TRP D 47 -22.74 -24.74 -15.45
CA TRP D 47 -21.90 -25.35 -16.47
C TRP D 47 -22.04 -24.61 -17.80
N LEU D 48 -20.91 -24.22 -18.38
CA LEU D 48 -20.93 -23.43 -19.60
C LEU D 48 -20.68 -24.27 -20.84
N GLY D 49 -19.87 -25.31 -20.69
CA GLY D 49 -19.55 -26.19 -21.79
C GLY D 49 -18.28 -26.98 -21.54
N PHE D 50 -18.00 -27.93 -22.42
CA PHE D 50 -16.77 -28.69 -22.32
C PHE D 50 -16.16 -29.03 -23.67
N ILE D 51 -14.90 -29.45 -23.65
CA ILE D 51 -14.25 -30.02 -24.81
C ILE D 51 -13.79 -31.41 -24.42
N ARG D 52 -13.94 -32.37 -25.35
CA ARG D 52 -13.65 -33.76 -25.05
C ARG D 52 -12.17 -34.10 -25.13
N ASN D 53 -11.82 -35.34 -24.77
CA ASN D 53 -10.44 -35.79 -24.78
C ASN D 53 -9.92 -36.09 -26.18
N LYS D 54 -8.72 -36.64 -26.27
CA LYS D 54 -8.09 -36.92 -27.55
C LYS D 54 -8.81 -38.00 -28.35
N ALA D 55 -9.18 -39.08 -27.66
CA ALA D 55 -9.82 -40.22 -28.33
C ALA D 55 -11.16 -39.85 -28.94
N LYS D 56 -11.76 -38.76 -28.44
CA LYS D 56 -13.07 -38.32 -28.93
C LYS D 56 -12.92 -37.16 -29.91
N GLY D 57 -11.69 -36.75 -30.17
CA GLY D 57 -11.42 -35.72 -31.15
C GLY D 57 -11.64 -34.30 -30.66
N TYR D 58 -11.51 -34.11 -29.35
CA TYR D 58 -11.60 -32.78 -28.76
C TYR D 58 -12.83 -32.00 -29.22
N THR D 59 -13.96 -32.70 -29.40
CA THR D 59 -15.19 -32.05 -29.81
C THR D 59 -15.76 -31.18 -28.69
N THR D 60 -16.57 -30.19 -29.05
CA THR D 60 -17.08 -29.23 -28.08
C THR D 60 -18.60 -29.32 -27.92
N GLU D 61 -19.06 -28.92 -26.73
CA GLU D 61 -20.48 -28.77 -26.46
C GLU D 61 -20.66 -27.54 -25.58
N TYR D 62 -21.80 -26.87 -25.69
CA TYR D 62 -22.04 -25.66 -24.91
C TYR D 62 -23.44 -25.61 -24.32
N SER D 63 -23.58 -24.87 -23.23
CA SER D 63 -24.90 -24.62 -22.65
C SER D 63 -25.63 -23.60 -23.51
N ALA D 64 -26.96 -23.73 -23.58
CA ALA D 64 -27.77 -22.81 -24.37
C ALA D 64 -27.51 -21.36 -24.00
N SER D 65 -27.15 -21.12 -22.74
CA SER D 65 -26.97 -19.77 -22.22
C SER D 65 -25.76 -19.04 -22.81
N VAL D 66 -24.86 -19.79 -23.43
CA VAL D 66 -23.68 -19.19 -24.06
C VAL D 66 -23.47 -19.75 -25.46
N LYS D 67 -24.33 -20.68 -25.86
CA LYS D 67 -24.26 -21.30 -27.18
C LYS D 67 -24.20 -20.24 -28.28
N GLY D 68 -23.12 -20.26 -29.05
CA GLY D 68 -22.96 -19.34 -30.16
C GLY D 68 -22.27 -18.03 -29.78
N ARG D 69 -21.93 -17.89 -28.51
CA ARG D 69 -21.31 -16.67 -28.02
C ARG D 69 -19.95 -16.94 -27.36
N PHE D 70 -19.82 -18.07 -26.67
CA PHE D 70 -18.55 -18.48 -26.09
C PHE D 70 -17.99 -19.69 -26.82
N THR D 71 -16.67 -19.81 -26.84
CA THR D 71 -15.99 -20.92 -27.49
C THR D 71 -14.89 -21.52 -26.62
N ILE D 72 -14.71 -22.84 -26.72
CA ILE D 72 -13.68 -23.53 -25.96
C ILE D 72 -12.64 -24.12 -26.90
N SER D 73 -11.37 -24.01 -26.50
CA SER D 73 -10.27 -24.61 -27.25
C SER D 73 -9.18 -25.04 -26.27
N ARG D 74 -8.24 -25.83 -26.76
CA ARG D 74 -7.16 -26.32 -25.90
C ARG D 74 -5.84 -26.47 -26.64
N ASP D 75 -4.76 -26.09 -25.98
CA ASP D 75 -3.41 -26.27 -26.50
C ASP D 75 -2.81 -27.52 -25.85
N ASN D 76 -2.78 -28.62 -26.60
CA ASN D 76 -2.42 -29.91 -26.05
C ASN D 76 -0.92 -30.11 -25.84
N SER D 77 -0.11 -29.20 -26.38
CA SER D 77 1.33 -29.28 -26.19
C SER D 77 1.76 -28.48 -24.96
N GLN D 78 0.90 -27.58 -24.52
CA GLN D 78 1.16 -26.79 -23.32
C GLN D 78 0.18 -27.13 -22.20
N SER D 79 -0.75 -28.02 -22.50
CA SER D 79 -1.74 -28.46 -21.53
C SER D 79 -2.56 -27.28 -21.01
N ILE D 80 -2.98 -26.40 -21.92
CA ILE D 80 -3.77 -25.23 -21.56
C ILE D 80 -5.20 -25.30 -22.08
N LEU D 81 -6.15 -24.96 -21.20
CA LEU D 81 -7.55 -24.86 -21.59
C LEU D 81 -7.92 -23.39 -21.78
N TYR D 82 -8.71 -23.10 -22.82
CA TYR D 82 -9.11 -21.73 -23.10
C TYR D 82 -10.62 -21.54 -23.12
N LEU D 83 -11.06 -20.34 -22.77
CA LEU D 83 -12.45 -19.94 -22.97
C LEU D 83 -12.50 -18.59 -23.68
N GLN D 84 -12.93 -18.61 -24.93
CA GLN D 84 -13.09 -17.38 -25.71
C GLN D 84 -14.48 -16.78 -25.50
N MET D 85 -14.54 -15.61 -24.88
CA MET D 85 -15.81 -14.96 -24.60
C MET D 85 -16.05 -13.77 -25.53
N ASN D 86 -17.23 -13.74 -26.14
CA ASN D 86 -17.60 -12.66 -27.05
C ASN D 86 -18.87 -11.95 -26.60
N THR D 87 -19.01 -10.69 -27.03
CA THR D 87 -20.21 -9.92 -26.74
C THR D 87 -20.63 -10.06 -25.28
N LEU D 88 -19.73 -9.72 -24.37
CA LEU D 88 -19.98 -9.86 -22.95
C LEU D 88 -20.96 -8.81 -22.42
N ARG D 89 -21.83 -9.24 -21.51
CA ARG D 89 -22.80 -8.36 -20.87
C ARG D 89 -22.62 -8.43 -19.36
N ALA D 90 -23.33 -7.57 -18.64
CA ALA D 90 -23.26 -7.55 -17.18
C ALA D 90 -23.63 -8.90 -16.58
N GLU D 91 -24.51 -9.63 -17.27
CA GLU D 91 -24.95 -10.93 -16.80
C GLU D 91 -23.84 -11.97 -16.88
N ASP D 92 -22.77 -11.64 -17.61
CA ASP D 92 -21.62 -12.53 -17.72
C ASP D 92 -20.62 -12.27 -16.61
N SER D 93 -20.92 -11.31 -15.75
CA SER D 93 -20.08 -11.01 -14.60
C SER D 93 -20.13 -12.16 -13.59
N ALA D 94 -19.02 -12.86 -13.43
CA ALA D 94 -18.99 -14.03 -12.56
C ALA D 94 -17.57 -14.52 -12.32
N THR D 95 -17.43 -15.47 -11.39
CA THR D 95 -16.17 -16.17 -11.21
C THR D 95 -16.16 -17.40 -12.13
N TYR D 96 -15.15 -17.49 -12.98
CA TYR D 96 -15.07 -18.57 -13.95
C TYR D 96 -14.04 -19.63 -13.57
N TYR D 97 -14.52 -20.85 -13.35
CA TYR D 97 -13.64 -21.97 -13.03
C TYR D 97 -13.48 -22.87 -14.25
N CYS D 98 -12.26 -23.35 -14.45
CA CYS D 98 -12.06 -24.49 -15.35
C CYS D 98 -12.02 -25.72 -14.45
N ALA D 99 -12.52 -26.84 -14.96
CA ALA D 99 -12.58 -28.05 -14.14
C ALA D 99 -12.29 -29.29 -14.96
N ARG D 100 -11.45 -30.17 -14.41
CA ARG D 100 -11.10 -31.41 -15.08
C ARG D 100 -12.33 -32.32 -15.09
N ASP D 101 -12.79 -32.67 -16.29
CA ASP D 101 -13.97 -33.50 -16.45
C ASP D 101 -13.54 -34.97 -16.47
N ILE D 102 -14.32 -35.81 -17.13
CA ILE D 102 -14.08 -37.25 -17.11
C ILE D 102 -12.97 -37.68 -18.07
N SER D 103 -12.46 -38.89 -17.84
CA SER D 103 -11.52 -39.53 -18.75
C SER D 103 -11.95 -40.96 -18.99
N PRO D 104 -12.87 -41.17 -19.94
CA PRO D 104 -13.53 -42.45 -20.18
C PRO D 104 -12.79 -43.38 -21.15
N SER D 105 -11.72 -42.89 -21.77
CA SER D 105 -11.05 -43.66 -22.80
C SER D 105 -9.76 -44.33 -22.32
N TYR D 106 -9.24 -43.87 -21.18
CA TYR D 106 -8.02 -44.44 -20.62
C TYR D 106 -7.86 -44.08 -19.15
N GLY D 107 -7.30 -45.00 -18.37
CA GLY D 107 -7.07 -44.77 -16.96
C GLY D 107 -8.34 -44.91 -16.16
N VAL D 108 -8.37 -44.29 -14.98
CA VAL D 108 -9.52 -44.36 -14.10
C VAL D 108 -10.65 -43.48 -14.62
N TYR D 109 -11.85 -44.05 -14.69
CA TYR D 109 -13.00 -43.30 -15.19
C TYR D 109 -14.18 -43.32 -14.22
N TYR D 110 -14.60 -42.13 -13.81
CA TYR D 110 -15.86 -41.96 -13.09
C TYR D 110 -16.46 -40.60 -13.38
N GLU D 111 -17.77 -40.48 -13.22
CA GLU D 111 -18.48 -39.25 -13.59
C GLU D 111 -18.40 -38.17 -12.51
N GLY D 112 -17.42 -37.29 -12.63
CA GLY D 112 -17.27 -36.19 -11.70
C GLY D 112 -16.10 -35.28 -12.03
N PHE D 113 -16.17 -34.05 -11.56
CA PHE D 113 -15.06 -33.11 -11.71
C PHE D 113 -14.13 -33.23 -10.50
N ALA D 114 -13.06 -33.99 -10.68
CA ALA D 114 -12.14 -34.30 -9.59
C ALA D 114 -11.37 -33.08 -9.07
N TYR D 115 -11.04 -32.15 -9.96
CA TYR D 115 -10.26 -30.98 -9.57
C TYR D 115 -10.77 -29.67 -10.16
N TRP D 116 -10.63 -28.60 -9.39
CA TRP D 116 -11.06 -27.27 -9.83
C TRP D 116 -9.95 -26.26 -9.64
N GLY D 117 -9.89 -25.27 -10.51
CA GLY D 117 -8.97 -24.16 -10.33
C GLY D 117 -9.51 -23.21 -9.28
N GLN D 118 -8.70 -22.25 -8.86
CA GLN D 118 -9.13 -21.29 -7.86
C GLN D 118 -10.13 -20.31 -8.47
N GLY D 119 -10.21 -20.31 -9.80
CA GLY D 119 -11.13 -19.45 -10.51
C GLY D 119 -10.62 -18.02 -10.69
N THR D 120 -11.11 -17.36 -11.73
CA THR D 120 -10.73 -15.98 -12.01
C THR D 120 -11.98 -15.12 -12.18
N LEU D 121 -12.03 -14.00 -11.46
CA LEU D 121 -13.21 -13.14 -11.48
C LEU D 121 -13.29 -12.29 -12.75
N VAL D 122 -14.43 -12.39 -13.43
CA VAL D 122 -14.69 -11.56 -14.59
C VAL D 122 -15.86 -10.63 -14.29
N THR D 123 -15.62 -9.32 -14.42
CA THR D 123 -16.67 -8.36 -14.15
C THR D 123 -16.91 -7.47 -15.37
N VAL D 124 -18.13 -7.49 -15.89
CA VAL D 124 -18.48 -6.72 -17.07
C VAL D 124 -19.21 -5.44 -16.68
N SER D 125 -18.51 -4.32 -16.80
CA SER D 125 -19.07 -3.02 -16.45
C SER D 125 -18.41 -1.91 -17.25
N ALA D 126 -19.21 -0.90 -17.61
CA ALA D 126 -18.70 0.23 -18.38
C ALA D 126 -17.82 1.13 -17.51
N ALA D 127 -17.76 0.84 -16.22
CA ALA D 127 -17.05 1.68 -15.26
C ALA D 127 -15.53 1.70 -15.46
N THR D 128 -14.85 2.42 -14.58
CA THR D 128 -13.39 2.57 -14.63
C THR D 128 -12.76 1.95 -13.39
N THR D 129 -11.52 1.51 -13.53
CA THR D 129 -10.81 0.92 -12.40
C THR D 129 -10.26 1.98 -11.46
N THR D 130 -10.58 1.86 -10.18
CA THR D 130 -10.08 2.77 -9.17
C THR D 130 -9.47 1.99 -8.00
N ALA D 131 -8.23 2.32 -7.65
CA ALA D 131 -7.56 1.68 -6.52
C ALA D 131 -8.25 2.04 -5.21
N PRO D 132 -8.12 1.17 -4.20
CA PRO D 132 -8.78 1.43 -2.91
C PRO D 132 -8.02 2.42 -2.05
N SER D 133 -8.74 3.11 -1.18
CA SER D 133 -8.12 3.96 -0.16
C SER D 133 -8.30 3.29 1.21
N VAL D 134 -7.20 3.12 1.94
CA VAL D 134 -7.25 2.41 3.20
C VAL D 134 -7.14 3.35 4.40
N TYR D 135 -8.04 3.19 5.35
CA TYR D 135 -8.02 3.97 6.58
C TYR D 135 -7.87 3.05 7.78
N PRO D 136 -7.25 3.55 8.85
CA PRO D 136 -7.07 2.75 10.07
C PRO D 136 -8.36 2.65 10.87
N LEU D 137 -8.54 1.52 11.54
CA LEU D 137 -9.64 1.36 12.50
C LEU D 137 -9.04 1.13 13.89
N VAL D 138 -8.93 2.20 14.66
CA VAL D 138 -8.29 2.14 15.97
C VAL D 138 -9.18 2.72 17.06
N PRO D 139 -9.03 2.22 18.30
CA PRO D 139 -9.82 2.65 19.46
C PRO D 139 -9.71 4.15 19.71
N GLY D 140 -10.72 4.72 20.36
CA GLY D 140 -10.71 6.13 20.69
C GLY D 140 -9.88 6.44 21.92
N GLY D 146 -8.32 -2.59 28.20
CA GLY D 146 -8.78 -3.97 28.21
C GLY D 146 -7.65 -4.98 28.16
N SER D 147 -8.01 -6.26 28.13
CA SER D 147 -7.00 -7.32 28.05
C SER D 147 -6.56 -7.52 26.60
N SER D 148 -7.53 -7.42 25.69
CA SER D 148 -7.24 -7.49 24.27
C SER D 148 -7.71 -6.22 23.59
N VAL D 149 -7.32 -6.04 22.33
CA VAL D 149 -7.72 -4.87 21.56
C VAL D 149 -8.12 -5.28 20.15
N THR D 150 -9.06 -4.56 19.57
CA THR D 150 -9.52 -4.86 18.22
C THR D 150 -9.18 -3.72 17.25
N LEU D 151 -8.28 -4.02 16.32
CA LEU D 151 -7.87 -3.06 15.30
C LEU D 151 -8.44 -3.48 13.95
N GLY D 152 -8.35 -2.60 12.96
CA GLY D 152 -8.86 -2.91 11.64
C GLY D 152 -8.41 -1.97 10.53
N CYS D 153 -8.87 -2.25 9.33
CA CYS D 153 -8.58 -1.41 8.17
C CYS D 153 -9.85 -1.17 7.37
N LEU D 154 -10.10 0.10 7.04
CA LEU D 154 -11.25 0.46 6.22
C LEU D 154 -10.83 0.64 4.77
N VAL D 155 -11.19 -0.33 3.93
CA VAL D 155 -10.87 -0.29 2.51
C VAL D 155 -12.08 0.17 1.71
N LYS D 156 -11.94 1.26 0.96
CA LYS D 156 -13.09 1.84 0.27
C LYS D 156 -12.72 2.53 -1.05
N GLY D 157 -13.74 2.81 -1.86
CA GLY D 157 -13.58 3.53 -3.10
C GLY D 157 -12.87 2.77 -4.19
N TYR D 158 -12.98 1.44 -4.15
CA TYR D 158 -12.31 0.60 -5.15
C TYR D 158 -13.28 -0.09 -6.09
N PHE D 159 -12.81 -0.32 -7.31
CA PHE D 159 -13.60 -1.01 -8.33
C PHE D 159 -12.67 -1.46 -9.45
N PRO D 160 -12.87 -2.69 -9.94
CA PRO D 160 -13.91 -3.60 -9.47
C PRO D 160 -13.40 -4.47 -8.32
N GLU D 161 -14.11 -5.54 -8.02
CA GLU D 161 -13.65 -6.49 -7.02
C GLU D 161 -12.60 -7.41 -7.65
N PRO D 162 -11.83 -8.12 -6.81
CA PRO D 162 -11.91 -8.09 -5.35
C PRO D 162 -10.73 -7.35 -4.73
N VAL D 163 -10.70 -7.32 -3.40
CA VAL D 163 -9.52 -6.93 -2.65
C VAL D 163 -9.24 -8.01 -1.61
N THR D 164 -7.97 -8.33 -1.42
CA THR D 164 -7.59 -9.31 -0.40
C THR D 164 -6.92 -8.61 0.76
N VAL D 165 -7.30 -8.97 1.98
CA VAL D 165 -6.73 -8.36 3.16
C VAL D 165 -6.02 -9.38 4.05
N LYS D 166 -4.71 -9.23 4.18
CA LYS D 166 -3.93 -10.05 5.09
C LYS D 166 -3.48 -9.21 6.29
N TRP D 167 -3.03 -9.87 7.33
CA TRP D 167 -2.51 -9.17 8.51
C TRP D 167 -1.11 -9.68 8.87
N ASN D 168 -0.17 -8.75 9.01
CA ASN D 168 1.23 -9.09 9.22
C ASN D 168 1.71 -10.12 8.20
N TYR D 169 1.41 -9.87 6.92
CA TYR D 169 1.83 -10.76 5.84
C TYR D 169 1.30 -12.17 6.00
N GLY D 170 0.08 -12.29 6.51
CA GLY D 170 -0.56 -13.58 6.66
C GLY D 170 -0.15 -14.33 7.91
N ALA D 171 0.73 -13.74 8.71
CA ALA D 171 1.19 -14.36 9.94
C ALA D 171 0.10 -14.31 11.01
N LEU D 172 -0.61 -13.19 11.07
CA LEU D 172 -1.71 -13.02 12.00
C LEU D 172 -3.00 -13.44 11.32
N SER D 173 -3.37 -14.70 11.47
CA SER D 173 -4.53 -15.24 10.76
C SER D 173 -5.70 -15.55 11.68
N SER D 174 -5.41 -16.02 12.89
CA SER D 174 -6.46 -16.35 13.85
C SER D 174 -7.11 -15.10 14.42
N GLY D 175 -8.43 -15.06 14.42
CA GLY D 175 -9.17 -13.94 14.95
C GLY D 175 -9.35 -12.82 13.94
N VAL D 176 -9.18 -13.17 12.66
CA VAL D 176 -9.36 -12.20 11.58
C VAL D 176 -10.79 -12.22 11.06
N ARG D 177 -11.43 -11.05 11.03
CA ARG D 177 -12.80 -10.94 10.57
C ARG D 177 -12.90 -9.92 9.44
N THR D 178 -13.29 -10.40 8.26
CA THR D 178 -13.46 -9.52 7.11
C THR D 178 -14.88 -9.62 6.57
N VAL D 179 -15.67 -8.58 6.80
CA VAL D 179 -17.07 -8.55 6.38
C VAL D 179 -17.16 -8.39 4.87
N SER D 180 -18.25 -8.89 4.29
CA SER D 180 -18.47 -8.78 2.85
C SER D 180 -18.48 -7.32 2.41
N SER D 181 -17.97 -7.06 1.21
CA SER D 181 -17.97 -5.71 0.67
C SER D 181 -19.39 -5.29 0.31
N VAL D 182 -19.56 -4.01 0.00
CA VAL D 182 -20.84 -3.50 -0.45
C VAL D 182 -20.62 -2.44 -1.53
N LEU D 183 -21.44 -2.49 -2.57
CA LEU D 183 -21.35 -1.49 -3.63
C LEU D 183 -22.22 -0.29 -3.33
N GLN D 184 -21.66 0.90 -3.52
CA GLN D 184 -22.43 2.14 -3.36
C GLN D 184 -21.84 3.27 -4.18
N SER D 185 -22.69 3.92 -4.97
CA SER D 185 -22.26 4.98 -5.86
C SER D 185 -21.08 4.54 -6.71
N GLY D 186 -21.13 3.30 -7.18
CA GLY D 186 -20.12 2.77 -8.09
C GLY D 186 -18.82 2.38 -7.45
N PHE D 187 -18.77 2.38 -6.12
CA PHE D 187 -17.55 1.99 -5.41
C PHE D 187 -17.78 0.92 -4.36
N TYR D 188 -16.82 0.00 -4.24
CA TYR D 188 -16.87 -1.04 -3.24
C TYR D 188 -16.09 -0.64 -2.01
N SER D 189 -16.54 -1.10 -0.85
CA SER D 189 -15.83 -0.85 0.39
C SER D 189 -16.07 -2.02 1.34
N LEU D 190 -15.10 -2.24 2.22
CA LEU D 190 -15.22 -3.27 3.25
C LEU D 190 -14.28 -2.97 4.41
N SER D 191 -14.37 -3.77 5.46
CA SER D 191 -13.50 -3.59 6.61
C SER D 191 -13.01 -4.93 7.12
N SER D 192 -11.73 -4.99 7.50
CA SER D 192 -11.15 -6.19 8.07
C SER D 192 -10.61 -5.86 9.46
N LEU D 193 -11.00 -6.67 10.45
CA LEU D 193 -10.57 -6.44 11.82
C LEU D 193 -9.90 -7.67 12.42
N VAL D 194 -9.01 -7.43 13.37
CA VAL D 194 -8.31 -8.50 14.06
C VAL D 194 -8.17 -8.17 15.53
N THR D 195 -8.07 -9.19 16.37
CA THR D 195 -7.93 -8.99 17.81
C THR D 195 -6.61 -9.56 18.30
N VAL D 196 -5.91 -8.78 19.13
CA VAL D 196 -4.63 -9.19 19.69
C VAL D 196 -4.54 -8.79 21.15
N PRO D 197 -3.64 -9.42 21.91
CA PRO D 197 -3.38 -8.97 23.27
C PRO D 197 -2.83 -7.55 23.25
N SER D 198 -3.34 -6.68 24.11
CA SER D 198 -2.89 -5.30 24.16
C SER D 198 -1.44 -5.21 24.65
N SER D 199 -0.84 -6.37 24.92
CA SER D 199 0.56 -6.46 25.28
C SER D 199 1.39 -6.43 24.01
N THR D 200 0.76 -6.84 22.90
CA THR D 200 1.41 -6.91 21.61
C THR D 200 1.34 -5.56 20.89
N TRP D 201 0.38 -4.73 21.29
CA TRP D 201 0.15 -3.45 20.64
C TRP D 201 0.14 -2.33 21.67
N PRO D 202 0.92 -1.27 21.42
CA PRO D 202 1.74 -1.07 20.23
C PRO D 202 3.18 -1.54 20.39
N SER D 203 3.46 -2.35 21.41
CA SER D 203 4.82 -2.84 21.64
C SER D 203 5.38 -3.50 20.38
N GLN D 204 4.59 -4.38 19.78
CA GLN D 204 4.93 -4.99 18.50
C GLN D 204 4.22 -4.24 17.38
N THR D 205 4.52 -4.60 16.13
CA THR D 205 3.95 -3.90 14.99
C THR D 205 2.74 -4.63 14.43
N VAL D 206 1.75 -3.86 13.98
CA VAL D 206 0.55 -4.42 13.36
C VAL D 206 0.30 -3.82 11.98
N ILE D 207 0.39 -4.67 10.96
CA ILE D 207 0.23 -4.23 9.58
C ILE D 207 -0.90 -4.99 8.88
N CYS D 208 -1.68 -4.29 8.07
CA CYS D 208 -2.66 -4.94 7.22
C CYS D 208 -2.22 -4.85 5.76
N ASN D 209 -2.20 -5.99 5.09
CA ASN D 209 -1.81 -6.06 3.69
C ASN D 209 -3.01 -6.08 2.77
N VAL D 210 -3.17 -5.02 1.98
CA VAL D 210 -4.31 -4.90 1.08
C VAL D 210 -3.87 -5.03 -0.37
N ALA D 211 -4.57 -5.87 -1.12
CA ALA D 211 -4.25 -6.08 -2.53
C ALA D 211 -5.47 -5.86 -3.41
N HIS D 212 -5.29 -5.11 -4.49
CA HIS D 212 -6.36 -4.89 -5.45
C HIS D 212 -5.85 -5.17 -6.86
N PRO D 213 -5.85 -6.45 -7.25
CA PRO D 213 -5.28 -6.96 -8.51
C PRO D 213 -5.63 -6.12 -9.74
N ALA D 214 -6.90 -5.73 -9.88
CA ALA D 214 -7.35 -5.03 -11.07
C ALA D 214 -6.57 -3.73 -11.32
N SER D 215 -6.02 -3.16 -10.24
CA SER D 215 -5.27 -1.92 -10.33
C SER D 215 -3.82 -2.11 -9.94
N LYS D 216 -3.42 -3.36 -9.74
CA LYS D 216 -2.05 -3.69 -9.41
C LYS D 216 -1.61 -3.03 -8.10
N THR D 217 -2.56 -2.84 -7.19
CA THR D 217 -2.27 -2.22 -5.90
C THR D 217 -1.72 -3.23 -4.90
N GLU D 218 -0.52 -2.97 -4.41
CA GLU D 218 0.14 -3.80 -3.42
C GLU D 218 0.64 -2.93 -2.27
N LEU D 219 -0.22 -2.68 -1.29
CA LEU D 219 0.15 -1.77 -0.21
C LEU D 219 0.04 -2.38 1.18
N ILE D 220 0.86 -1.87 2.10
CA ILE D 220 0.78 -2.25 3.50
C ILE D 220 0.49 -0.99 4.31
N LYS D 221 -0.42 -1.12 5.26
CA LYS D 221 -0.79 0.00 6.12
C LYS D 221 -0.47 -0.34 7.58
N ARG D 222 0.37 0.48 8.19
CA ARG D 222 0.73 0.29 9.59
C ARG D 222 -0.31 0.90 10.51
N ILE D 223 -0.88 0.08 11.39
CA ILE D 223 -1.92 0.50 12.30
C ILE D 223 -1.33 0.93 13.64
N GLU D 224 -1.54 2.20 14.00
CA GLU D 224 -0.94 2.74 15.21
C GLU D 224 -1.95 3.52 16.05
N PRO D 225 -1.70 3.61 17.37
CA PRO D 225 -2.63 4.28 18.30
C PRO D 225 -2.91 5.73 17.93
N ARG D 226 -4.15 6.15 18.13
CA ARG D 226 -4.57 7.52 17.85
C ARG D 226 -3.69 8.52 18.60
C1 GP4 E . 28.54 32.98 33.79
C2 GP4 E . 29.59 33.65 34.68
C3 GP4 E . 30.86 32.75 34.96
C4 GP4 E . 30.57 31.24 35.19
C5 GP4 E . 29.62 30.77 34.09
C6 GP4 E . 29.41 29.26 34.36
N2 GP4 E . 29.90 34.93 33.99
O3 GP4 E . 31.61 33.21 36.10
O4 GP4 E . 31.79 30.43 35.13
O6 GP4 E . 29.10 28.45 33.18
O5 GP4 E . 28.41 31.58 34.15
O7A GP4 E . 33.04 30.99 37.30
P4A GP4 E . 32.53 29.73 36.40
O8A GP4 E . 31.79 28.69 37.15
O9A GP4 E . 33.90 29.03 35.83
O1 GP4 E . 27.34 33.81 33.93
C1 KDO E . 28.84 26.23 34.03
O1A KDO E . 28.19 25.48 34.82
O1B KDO E . 30.06 26.10 33.72
C2 KDO E . 28.11 27.45 33.40
C3 KDO E . 27.52 26.95 32.06
C4 KDO E . 26.54 27.96 31.39
O4 KDO E . 26.08 27.33 30.18
C5 KDO E . 25.47 28.38 32.36
O5 KDO E . 24.58 27.28 32.63
C6 KDO E . 26.14 28.91 33.62
O6 KDO E . 27.01 27.95 34.26
C7 KDO E . 25.17 29.53 34.65
O7 KDO E . 24.31 30.49 33.98
C8 KDO E . 25.99 30.20 35.77
O8 KDO E . 25.42 31.48 36.11
C1 KDO E . 23.75 28.07 29.57
O1A KDO E . 23.27 27.13 30.28
O1B KDO E . 23.13 29.08 29.17
C2 KDO E . 25.24 27.97 29.15
C3 KDO E . 25.22 27.12 27.83
C4 KDO E . 26.57 27.19 27.07
O4 KDO E . 26.44 26.55 25.79
C5 KDO E . 27.08 28.63 26.91
O5 KDO E . 26.15 29.36 26.17
C6 KDO E . 27.13 29.30 28.29
O6 KDO E . 25.80 29.27 28.91
C7 KDO E . 27.45 30.78 28.31
O7 KDO E . 28.45 31.19 27.38
C8 KDO E . 27.94 31.14 29.70
O8 KDO E . 28.01 32.56 29.76
C1 GP4 F . -24.23 -44.75 -26.12
C2 GP4 F . -24.41 -46.03 -26.94
C3 GP4 F . -23.54 -47.23 -26.40
C4 GP4 F . -22.08 -46.87 -25.97
C5 GP4 F . -22.10 -45.56 -25.17
C6 GP4 F . -20.62 -45.21 -24.91
N2 GP4 F . -25.88 -46.30 -26.94
O3 GP4 F . -23.44 -48.30 -27.36
O4 GP4 F . -21.48 -47.92 -25.13
O6 GP4 F . -20.43 -44.08 -24.00
O5 GP4 F . -22.82 -44.54 -25.91
O7A GP4 F . -21.31 -50.28 -26.16
P4A GP4 F . -20.40 -49.05 -25.62
O8A GP4 F . -19.33 -48.62 -26.55
O9A GP4 F . -19.67 -49.64 -24.27
O1 GP4 F . -24.96 -43.71 -26.85
C1 KDO F . -18.04 -44.02 -23.81
O1A KDO F . -16.92 -43.61 -24.21
O1B KDO F . -18.24 -44.98 -23.02
C2 KDO F . -19.29 -43.24 -24.29
C3 KDO F . -19.32 -41.97 -23.41
C4 KDO F . -20.26 -40.84 -23.92
O4 KDO F . -19.93 -39.73 -23.05
C5 KDO F . -20.03 -40.56 -25.39
O5 KDO F . -18.78 -39.87 -25.56
C6 KDO F . -20.09 -41.86 -26.20
O6 KDO F . -19.18 -42.90 -25.71
C7 KDO F . -19.86 -41.62 -27.69
O7 KDO F . -20.91 -40.76 -28.22
C8 KDO F . -19.84 -42.99 -28.42
O8 KDO F . -20.23 -42.82 -29.79
C1 KDO F . -20.33 -37.47 -24.07
O1A KDO F . -19.13 -37.39 -24.49
O1B KDO F . -21.28 -36.79 -24.50
C2 KDO F . -20.63 -38.47 -22.92
C3 KDO F . -20.13 -37.71 -21.64
C4 KDO F . -20.55 -38.45 -20.36
O4 KDO F . -20.18 -37.67 -19.22
C5 KDO F . -22.05 -38.79 -20.35
O5 KDO F . -22.78 -37.59 -20.37
C6 KDO F . -22.43 -39.54 -21.63
O6 KDO F . -22.04 -38.77 -22.82
C7 KDO F . -23.91 -39.77 -21.88
O7 KDO F . -24.61 -40.36 -20.79
C8 KDO F . -24.02 -40.71 -23.07
O8 KDO F . -25.42 -40.86 -23.34
MG MG G . 15.22 30.22 31.73
MG MG H . -22.64 -31.09 -30.99
#